data_3P0L
#
_entry.id   3P0L
#
_cell.length_a   144.130
_cell.length_b   144.130
_cell.length_c   101.030
_cell.angle_alpha   90.00
_cell.angle_beta   90.00
_cell.angle_gamma   120.00
#
_symmetry.space_group_name_H-M   'P 63'
#
_entity_poly.entity_id   1
_entity_poly.type   'polypeptide(L)'
_entity_poly.pdbx_seq_one_letter_code
;SMTLYSDQELAYLQQGEEAMQKALGILSNQEGWKKESQQDNGDKVMSKVVPDVGKVFRLEVVVDQPMERLYEELVERMEA
MGEWNPNVKEIKVLQKIGKDTFITHELAAEAAGNLVGPRDFVSVRCAKRRGSTCVLAGMATDFGNMPEQKGVIRAEHGPT
CMVLHPLAGSPSKTKLTWLLSIDLKGWLPKSIINQVLSQTQVDFANHLRKRLESHPASEAR
;
_entity_poly.pdbx_strand_id   A,B,C,D
#
# COMPACT_ATOMS: atom_id res chain seq x y z
N SER A 1 28.60 -15.39 13.55
CA SER A 1 27.98 -16.71 13.59
C SER A 1 26.50 -16.62 13.27
N MET A 2 25.75 -17.63 13.70
CA MET A 2 24.33 -17.72 13.45
C MET A 2 23.51 -17.03 14.54
N THR A 3 22.49 -16.29 14.12
CA THR A 3 21.60 -15.61 15.03
C THR A 3 20.18 -16.10 14.79
N LEU A 4 19.36 -16.06 15.83
CA LEU A 4 18.01 -16.57 15.73
C LEU A 4 16.98 -15.47 15.99
N TYR A 5 15.82 -15.61 15.36
CA TYR A 5 14.79 -14.57 15.43
C TYR A 5 13.45 -15.13 15.89
N SER A 6 12.81 -14.42 16.82
CA SER A 6 11.46 -14.76 17.24
C SER A 6 10.52 -14.63 16.05
N ASP A 7 9.43 -15.38 16.07
CA ASP A 7 8.46 -15.35 14.98
C ASP A 7 7.90 -13.95 14.75
N GLN A 8 7.77 -13.20 15.84
CA GLN A 8 7.29 -11.83 15.73
C GLN A 8 8.26 -10.98 14.93
N GLU A 9 9.55 -11.18 15.17
CA GLU A 9 10.58 -10.47 14.42
C GLU A 9 10.49 -10.80 12.94
N LEU A 10 10.69 -12.07 12.61
CA LEU A 10 10.53 -12.56 11.24
C LEU A 10 9.30 -11.97 10.55
N ALA A 11 8.23 -11.79 11.31
CA ALA A 11 7.02 -11.17 10.80
C ALA A 11 7.34 -9.79 10.26
N TYR A 12 7.90 -8.96 11.14
CA TYR A 12 8.33 -7.62 10.77
C TYR A 12 9.34 -7.67 9.63
N LEU A 13 10.25 -8.64 9.69
CA LEU A 13 11.23 -8.85 8.64
C LEU A 13 10.56 -9.04 7.28
N GLN A 14 9.58 -9.94 7.21
CA GLN A 14 8.85 -10.14 5.97
C GLN A 14 8.26 -8.82 5.50
N GLN A 15 7.48 -8.20 6.37
CA GLN A 15 6.82 -6.94 6.06
C GLN A 15 7.83 -5.94 5.51
N GLY A 16 9.03 -5.97 6.07
CA GLY A 16 10.10 -5.07 5.65
C GLY A 16 10.46 -5.27 4.18
N GLU A 17 10.25 -6.48 3.68
CA GLU A 17 10.56 -6.80 2.29
C GLU A 17 9.31 -6.82 1.42
N GLU A 18 8.17 -7.11 2.02
CA GLU A 18 6.90 -7.02 1.31
C GLU A 18 6.69 -5.59 0.88
N ALA A 19 7.02 -4.67 1.76
CA ALA A 19 6.90 -3.24 1.50
C ALA A 19 7.86 -2.81 0.40
N MET A 20 9.02 -3.47 0.36
CA MET A 20 10.06 -3.10 -0.58
C MET A 20 9.74 -3.56 -2.00
N GLN A 21 9.55 -4.87 -2.18
CA GLN A 21 9.26 -5.42 -3.50
C GLN A 21 8.05 -4.76 -4.16
N LYS A 22 7.00 -4.52 -3.37
CA LYS A 22 5.78 -3.94 -3.91
C LYS A 22 5.94 -2.48 -4.31
N ALA A 23 6.80 -1.76 -3.59
CA ALA A 23 7.06 -0.36 -3.89
C ALA A 23 7.96 -0.22 -5.11
N LEU A 24 8.95 -1.11 -5.21
CA LEU A 24 9.83 -1.14 -6.37
C LEU A 24 9.05 -1.51 -7.61
N GLY A 25 8.12 -2.46 -7.45
CA GLY A 25 7.29 -2.90 -8.55
C GLY A 25 6.43 -1.78 -9.09
N ILE A 26 6.17 -0.79 -8.25
CA ILE A 26 5.39 0.37 -8.66
C ILE A 26 6.28 1.35 -9.41
N LEU A 27 7.59 1.24 -9.20
CA LEU A 27 8.54 2.08 -9.90
C LEU A 27 8.99 1.41 -11.19
N SER A 28 9.02 0.08 -11.19
CA SER A 28 9.36 -0.68 -12.37
C SER A 28 8.35 -0.41 -13.48
N ASN A 29 7.08 -0.29 -13.09
CA ASN A 29 6.03 0.09 -14.01
C ASN A 29 6.14 1.57 -14.38
N GLN A 30 7.09 1.86 -15.25
CA GLN A 30 7.44 3.24 -15.59
C GLN A 30 6.24 4.07 -16.03
N GLU A 31 5.86 3.93 -17.30
CA GLU A 31 4.82 4.77 -17.90
C GLU A 31 3.42 4.41 -17.41
N GLY A 32 2.62 5.45 -17.15
CA GLY A 32 1.27 5.26 -16.66
C GLY A 32 0.89 6.30 -15.63
N TRP A 33 1.89 7.03 -15.14
CA TRP A 33 1.66 8.04 -14.11
C TRP A 33 1.14 9.35 -14.70
N LYS A 34 0.23 9.99 -13.97
CA LYS A 34 -0.20 11.34 -14.30
C LYS A 34 0.82 12.32 -13.76
N LYS A 35 0.47 13.60 -13.75
CA LYS A 35 1.36 14.61 -13.20
C LYS A 35 0.60 15.53 -12.26
N GLU A 36 1.21 15.82 -11.10
CA GLU A 36 0.55 16.63 -10.09
C GLU A 36 1.23 17.99 -9.90
N SER A 37 2.55 18.03 -10.09
CA SER A 37 3.29 19.29 -9.94
C SER A 37 4.58 19.32 -10.75
N GLN A 38 5.11 20.53 -10.95
CA GLN A 38 6.32 20.74 -11.75
C GLN A 38 7.04 22.00 -11.26
N GLN A 39 8.14 21.81 -10.54
CA GLN A 39 8.80 22.92 -9.88
C GLN A 39 9.84 23.65 -10.72
N ASP A 40 10.24 24.83 -10.24
CA ASP A 40 11.23 25.65 -10.92
C ASP A 40 12.59 24.98 -10.91
N ASN A 41 12.78 24.07 -9.95
CA ASN A 41 14.05 23.36 -9.82
C ASN A 41 14.07 22.08 -10.64
N GLY A 42 12.98 21.81 -11.36
CA GLY A 42 12.85 20.60 -12.14
C GLY A 42 12.28 19.47 -11.29
N ASP A 43 11.75 19.83 -10.13
CA ASP A 43 11.15 18.86 -9.23
C ASP A 43 9.78 18.44 -9.74
N LYS A 44 9.49 17.14 -9.67
CA LYS A 44 8.27 16.60 -10.23
C LYS A 44 7.54 15.71 -9.24
N VAL A 45 6.22 15.65 -9.36
CA VAL A 45 5.40 14.80 -8.50
C VAL A 45 4.36 14.04 -9.32
N MET A 46 4.64 12.76 -9.57
CA MET A 46 3.74 11.93 -10.37
C MET A 46 2.69 11.25 -9.50
N SER A 47 1.61 10.79 -10.12
CA SER A 47 0.55 10.10 -9.41
C SER A 47 0.03 8.91 -10.21
N LYS A 48 -0.61 7.98 -9.52
CA LYS A 48 -1.14 6.78 -10.17
C LYS A 48 -2.07 6.02 -9.23
N VAL A 49 -3.14 5.45 -9.79
CA VAL A 49 -4.08 4.66 -9.01
C VAL A 49 -3.74 3.17 -9.11
N VAL A 50 -2.97 2.67 -8.15
CA VAL A 50 -2.59 1.28 -8.12
C VAL A 50 -3.76 0.41 -7.66
N PRO A 51 -4.06 -0.66 -8.40
CA PRO A 51 -5.18 -1.56 -8.09
C PRO A 51 -5.15 -2.02 -6.64
N ASP A 52 -4.02 -2.59 -6.21
CA ASP A 52 -3.89 -3.09 -4.86
C ASP A 52 -4.07 -1.99 -3.82
N VAL A 53 -3.24 -0.96 -3.91
CA VAL A 53 -3.28 0.14 -2.95
C VAL A 53 -4.30 1.20 -3.34
N GLY A 54 -3.84 2.22 -4.05
CA GLY A 54 -4.69 3.32 -4.45
C GLY A 54 -3.90 4.42 -5.11
N LYS A 55 -4.27 5.67 -4.85
CA LYS A 55 -3.58 6.82 -5.43
C LYS A 55 -2.28 7.08 -4.71
N VAL A 56 -1.17 6.96 -5.44
CA VAL A 56 0.16 7.16 -4.86
C VAL A 56 0.84 8.39 -5.45
N PHE A 57 1.88 8.86 -4.76
CA PHE A 57 2.63 10.03 -5.22
C PHE A 57 4.10 9.67 -5.42
N ARG A 58 4.65 10.02 -6.57
CA ARG A 58 6.05 9.72 -6.87
C ARG A 58 6.85 11.00 -7.03
N LEU A 59 7.73 11.26 -6.07
CA LEU A 59 8.53 12.48 -6.06
C LEU A 59 9.80 12.30 -6.89
N GLU A 60 9.97 13.17 -7.88
CA GLU A 60 11.16 13.15 -8.73
C GLU A 60 12.05 14.36 -8.46
N VAL A 61 13.13 14.14 -7.70
CA VAL A 61 14.03 15.22 -7.34
C VAL A 61 15.48 14.79 -7.37
N VAL A 62 16.34 15.67 -7.86
CA VAL A 62 17.78 15.44 -7.83
C VAL A 62 18.43 16.52 -6.98
N VAL A 63 19.45 16.14 -6.21
CA VAL A 63 20.11 17.09 -5.33
C VAL A 63 21.60 17.22 -5.66
N ASP A 64 22.14 18.42 -5.44
CA ASP A 64 23.53 18.70 -5.73
C ASP A 64 24.44 18.27 -4.58
N GLN A 65 24.14 17.11 -4.00
CA GLN A 65 24.90 16.61 -2.86
C GLN A 65 25.19 15.13 -2.99
N PRO A 66 26.33 14.70 -2.42
CA PRO A 66 26.75 13.30 -2.39
C PRO A 66 25.62 12.37 -1.92
N MET A 67 25.60 11.15 -2.43
CA MET A 67 24.54 10.20 -2.09
C MET A 67 24.64 9.75 -0.63
N GLU A 68 25.82 9.29 -0.23
CA GLU A 68 26.01 8.73 1.10
C GLU A 68 25.64 9.72 2.20
N ARG A 69 25.82 11.01 1.93
CA ARG A 69 25.44 12.05 2.88
C ARG A 69 23.94 12.05 3.14
N LEU A 70 23.16 11.98 2.07
CA LEU A 70 21.72 11.89 2.19
C LEU A 70 21.31 10.67 3.01
N TYR A 71 22.06 9.58 2.84
CA TYR A 71 21.78 8.35 3.56
C TYR A 71 21.80 8.57 5.06
N GLU A 72 22.97 8.86 5.60
CA GLU A 72 23.11 9.05 7.04
C GLU A 72 22.17 10.12 7.57
N GLU A 73 21.92 11.14 6.76
CA GLU A 73 21.04 12.23 7.16
C GLU A 73 19.56 11.86 7.09
N LEU A 74 19.25 10.82 6.32
CA LEU A 74 17.87 10.43 6.09
C LEU A 74 17.48 9.20 6.91
N VAL A 75 18.45 8.34 7.20
CA VAL A 75 18.18 7.12 7.95
C VAL A 75 19.01 7.00 9.22
N GLU A 76 20.34 7.00 9.08
CA GLU A 76 21.22 6.85 10.23
C GLU A 76 20.97 7.93 11.27
N ARG A 77 20.44 9.06 10.82
CA ARG A 77 20.15 10.20 11.69
C ARG A 77 18.71 10.64 11.52
N MET A 78 17.83 9.70 11.20
CA MET A 78 16.43 10.00 10.94
C MET A 78 15.69 10.42 12.21
N GLU A 79 16.15 9.92 13.35
CA GLU A 79 15.52 10.26 14.63
C GLU A 79 15.51 11.77 14.86
N ALA A 80 16.50 12.45 14.29
CA ALA A 80 16.63 13.89 14.48
C ALA A 80 16.17 14.66 13.24
N MET A 81 15.60 13.96 12.27
CA MET A 81 15.13 14.61 11.06
C MET A 81 13.90 15.47 11.35
N GLY A 82 13.40 15.36 12.57
CA GLY A 82 12.28 16.18 13.02
C GLY A 82 12.72 17.61 13.31
N GLU A 83 14.02 17.82 13.29
CA GLU A 83 14.59 19.15 13.50
C GLU A 83 14.44 20.00 12.24
N TRP A 84 15.03 19.53 11.14
CA TRP A 84 15.04 20.27 9.89
C TRP A 84 13.77 20.05 9.07
N ASN A 85 12.73 19.51 9.71
CA ASN A 85 11.48 19.25 9.02
C ASN A 85 10.25 19.60 9.86
N PRO A 86 9.51 20.63 9.43
CA PRO A 86 8.28 21.10 10.10
C PRO A 86 7.15 20.09 9.97
N ASN A 87 7.09 19.39 8.85
CA ASN A 87 6.01 18.42 8.61
C ASN A 87 6.04 17.26 9.59
N VAL A 88 7.13 17.11 10.32
CA VAL A 88 7.25 16.07 11.34
C VAL A 88 7.67 16.65 12.68
N LYS A 89 7.04 16.15 13.75
CA LYS A 89 7.32 16.64 15.09
C LYS A 89 8.34 15.80 15.82
N GLU A 90 8.18 14.47 15.76
CA GLU A 90 9.10 13.56 16.43
C GLU A 90 9.10 12.17 15.80
N ILE A 91 10.29 11.65 15.53
CA ILE A 91 10.44 10.30 14.99
C ILE A 91 11.30 9.45 15.94
N LYS A 92 10.72 8.38 16.46
CA LYS A 92 11.42 7.52 17.40
C LYS A 92 11.45 6.07 16.95
N VAL A 93 12.65 5.50 16.92
CA VAL A 93 12.83 4.09 16.57
C VAL A 93 12.41 3.20 17.74
N LEU A 94 11.29 2.51 17.56
CA LEU A 94 10.75 1.64 18.61
C LEU A 94 11.60 0.39 18.81
N GLN A 95 12.20 -0.11 17.74
CA GLN A 95 13.04 -1.29 17.81
C GLN A 95 13.80 -1.55 16.50
N LYS A 96 15.06 -1.96 16.62
CA LYS A 96 15.85 -2.38 15.48
C LYS A 96 15.91 -3.90 15.43
N ILE A 97 15.69 -4.47 14.25
CA ILE A 97 15.80 -5.91 14.06
C ILE A 97 16.82 -6.23 12.97
N GLY A 98 17.72 -7.16 13.26
CA GLY A 98 18.76 -7.50 12.31
C GLY A 98 19.58 -6.28 11.92
N LYS A 99 19.87 -6.15 10.64
CA LYS A 99 20.68 -5.04 10.14
C LYS A 99 19.85 -4.01 9.38
N ASP A 100 18.88 -4.49 8.60
CA ASP A 100 18.13 -3.62 7.71
C ASP A 100 16.81 -3.11 8.28
N THR A 101 15.98 -4.03 8.77
CA THR A 101 14.65 -3.67 9.24
C THR A 101 14.65 -3.03 10.63
N PHE A 102 13.61 -2.25 10.90
CA PHE A 102 13.43 -1.58 12.18
C PHE A 102 12.09 -0.85 12.21
N ILE A 103 11.48 -0.80 13.39
CA ILE A 103 10.15 -0.22 13.55
C ILE A 103 10.27 1.20 14.11
N THR A 104 9.46 2.11 13.58
CA THR A 104 9.52 3.51 13.98
C THR A 104 8.14 4.09 14.28
N HIS A 105 8.12 5.08 15.16
CA HIS A 105 6.90 5.83 15.43
C HIS A 105 7.08 7.28 14.98
N GLU A 106 6.59 7.58 13.78
CA GLU A 106 6.73 8.92 13.22
C GLU A 106 5.52 9.78 13.55
N LEU A 107 5.74 10.75 14.45
CA LEU A 107 4.70 11.69 14.83
C LEU A 107 4.80 12.97 14.01
N ALA A 108 3.85 13.17 13.10
CA ALA A 108 3.87 14.32 12.22
C ALA A 108 2.98 15.44 12.74
N ALA A 109 3.41 16.68 12.54
CA ALA A 109 2.67 17.86 12.99
C ALA A 109 1.54 18.20 12.03
N GLU A 110 0.49 18.80 12.56
CA GLU A 110 -0.67 19.20 11.75
C GLU A 110 -0.35 20.42 10.89
N ASN A 114 -3.90 24.46 9.04
CA ASN A 114 -4.26 23.94 10.36
C ASN A 114 -5.63 23.26 10.35
N LEU A 115 -6.09 22.88 9.16
CA LEU A 115 -7.39 22.24 9.01
C LEU A 115 -7.26 20.71 9.06
N VAL A 116 -6.02 20.23 8.99
CA VAL A 116 -5.76 18.79 9.03
C VAL A 116 -5.30 18.35 10.41
N GLY A 117 -6.11 17.52 11.07
CA GLY A 117 -5.81 17.05 12.40
C GLY A 117 -4.46 16.35 12.50
N PRO A 118 -3.84 16.41 13.69
CA PRO A 118 -2.53 15.79 13.96
C PRO A 118 -2.59 14.28 13.72
N ARG A 119 -1.53 13.72 13.15
CA ARG A 119 -1.48 12.29 12.86
C ARG A 119 -0.12 11.68 13.11
N ASP A 120 -0.10 10.47 13.67
CA ASP A 120 1.13 9.74 13.94
C ASP A 120 1.17 8.44 13.15
N PHE A 121 2.33 7.80 13.15
CA PHE A 121 2.51 6.56 12.41
C PHE A 121 3.38 5.58 13.18
N VAL A 122 3.01 4.30 13.11
CA VAL A 122 3.86 3.23 13.62
C VAL A 122 4.07 2.23 12.49
N SER A 123 5.27 2.25 11.91
CA SER A 123 5.54 1.46 10.72
C SER A 123 6.91 0.77 10.78
N VAL A 124 7.02 -0.34 10.07
CA VAL A 124 8.29 -1.03 9.91
C VAL A 124 8.93 -0.57 8.61
N ARG A 125 10.26 -0.56 8.57
CA ARG A 125 10.97 -0.05 7.40
C ARG A 125 12.32 -0.73 7.19
N CYS A 126 12.65 -0.98 5.93
CA CYS A 126 13.87 -1.67 5.58
C CYS A 126 14.83 -0.74 4.85
N ALA A 127 16.08 -0.68 5.32
CA ALA A 127 17.08 0.20 4.73
C ALA A 127 18.18 -0.62 4.03
N LYS A 128 17.84 -1.22 2.90
CA LYS A 128 18.80 -1.99 2.12
C LYS A 128 19.55 -1.13 1.11
N ARG A 129 20.56 -1.73 0.48
CA ARG A 129 21.31 -1.06 -0.57
C ARG A 129 22.13 -2.06 -1.40
N ARG A 130 21.96 -2.00 -2.71
CA ARG A 130 22.74 -2.86 -3.61
C ARG A 130 24.09 -2.23 -3.91
N GLY A 131 24.67 -1.57 -2.90
CA GLY A 131 25.97 -0.96 -3.05
C GLY A 131 25.91 0.48 -3.52
N SER A 132 25.81 0.66 -4.83
CA SER A 132 25.79 1.99 -5.42
C SER A 132 24.44 2.68 -5.26
N THR A 133 23.43 1.91 -4.85
CA THR A 133 22.09 2.45 -4.69
C THR A 133 21.47 2.05 -3.35
N CYS A 134 21.19 3.05 -2.52
CA CYS A 134 20.52 2.81 -1.24
C CYS A 134 19.04 3.10 -1.37
N VAL A 135 18.23 2.39 -0.59
CA VAL A 135 16.78 2.52 -0.68
C VAL A 135 16.06 2.27 0.65
N LEU A 136 15.18 3.19 1.02
CA LEU A 136 14.38 3.07 2.22
C LEU A 136 12.98 2.57 1.87
N ALA A 137 12.61 1.42 2.43
CA ALA A 137 11.26 0.89 2.26
C ALA A 137 10.46 1.12 3.52
N GLY A 138 9.20 0.69 3.53
CA GLY A 138 8.38 0.82 4.71
C GLY A 138 6.88 0.74 4.47
N MET A 139 6.15 0.39 5.53
CA MET A 139 4.69 0.35 5.48
C MET A 139 4.15 0.20 6.91
N ALA A 140 2.96 0.73 7.13
CA ALA A 140 2.34 0.68 8.45
C ALA A 140 2.37 -0.73 9.01
N THR A 141 2.91 -0.87 10.22
CA THR A 141 2.97 -2.17 10.89
C THR A 141 2.20 -2.15 12.20
N ASP A 142 1.98 -3.32 12.78
CA ASP A 142 1.26 -3.43 14.04
C ASP A 142 2.21 -3.70 15.20
N PHE A 143 2.56 -2.63 15.92
CA PHE A 143 3.44 -2.74 17.07
C PHE A 143 2.62 -2.59 18.36
N GLY A 144 2.06 -3.71 18.82
CA GLY A 144 1.20 -3.71 19.99
C GLY A 144 1.81 -3.04 21.20
N ASN A 145 3.14 -2.99 21.23
CA ASN A 145 3.86 -2.39 22.34
C ASN A 145 3.86 -0.87 22.26
N MET A 146 2.96 -0.32 21.46
CA MET A 146 2.84 1.12 21.28
C MET A 146 1.55 1.46 20.54
N PRO A 147 0.40 1.24 21.20
CA PRO A 147 -0.92 1.46 20.60
C PRO A 147 -1.18 2.93 20.33
N GLU A 148 -2.38 3.23 19.81
CA GLU A 148 -2.77 4.61 19.52
C GLU A 148 -3.08 5.38 20.79
N GLN A 149 -2.62 6.62 20.86
CA GLN A 149 -2.87 7.46 22.02
C GLN A 149 -3.97 8.49 21.74
N LYS A 150 -4.66 8.92 22.80
CA LYS A 150 -5.73 9.89 22.67
C LYS A 150 -5.20 11.25 22.22
N GLY A 151 -5.89 11.88 21.29
CA GLY A 151 -5.50 13.18 20.78
C GLY A 151 -5.01 13.10 19.35
N VAL A 152 -4.14 12.15 19.08
CA VAL A 152 -3.56 11.96 17.75
C VAL A 152 -4.16 10.75 17.05
N ILE A 153 -4.51 10.92 15.78
CA ILE A 153 -5.11 9.84 15.00
C ILE A 153 -4.07 9.05 14.20
N ARG A 154 -4.08 7.74 14.40
CA ARG A 154 -3.11 6.85 13.77
C ARG A 154 -3.42 6.59 12.30
N ALA A 155 -2.67 7.25 11.42
CA ALA A 155 -2.81 7.02 9.98
C ALA A 155 -1.90 5.88 9.55
N GLU A 156 -2.21 5.27 8.41
CA GLU A 156 -1.46 4.11 7.95
C GLU A 156 -0.67 4.39 6.67
N HIS A 157 0.50 3.76 6.56
CA HIS A 157 1.34 3.91 5.37
C HIS A 157 1.26 2.68 4.47
N GLY A 158 1.05 2.91 3.18
CA GLY A 158 1.11 1.84 2.20
C GLY A 158 2.56 1.60 1.82
N PRO A 159 2.79 0.75 0.81
CA PRO A 159 4.15 0.49 0.33
C PRO A 159 4.86 1.78 -0.04
N THR A 160 5.76 2.23 0.84
CA THR A 160 6.47 3.49 0.63
C THR A 160 7.97 3.25 0.53
N CYS A 161 8.56 3.63 -0.60
CA CYS A 161 10.00 3.50 -0.79
C CYS A 161 10.65 4.83 -1.09
N MET A 162 11.98 4.85 -1.07
CA MET A 162 12.75 6.06 -1.36
C MET A 162 14.13 5.66 -1.85
N VAL A 163 14.40 5.94 -3.12
CA VAL A 163 15.63 5.50 -3.77
C VAL A 163 16.66 6.62 -3.90
N LEU A 164 17.90 6.32 -3.52
CA LEU A 164 19.01 7.24 -3.72
C LEU A 164 19.93 6.70 -4.81
N HIS A 165 20.00 7.41 -5.92
CA HIS A 165 20.76 6.95 -7.07
C HIS A 165 21.73 8.02 -7.57
N PRO A 166 23.02 7.69 -7.64
CA PRO A 166 24.04 8.62 -8.13
C PRO A 166 23.69 9.14 -9.52
N LEU A 167 23.88 10.43 -9.76
CA LEU A 167 23.55 11.04 -11.04
C LEU A 167 24.18 10.26 -12.19
N ALA A 168 23.44 10.14 -13.28
CA ALA A 168 23.89 9.38 -14.46
C ALA A 168 25.33 9.71 -14.85
N GLY A 169 25.71 10.97 -14.66
CA GLY A 169 27.05 11.42 -14.98
C GLY A 169 27.60 12.41 -13.98
N SER A 170 27.40 12.12 -12.69
CA SER A 170 27.90 12.98 -11.63
C SER A 170 27.75 12.33 -10.26
N PRO A 171 28.86 11.82 -9.71
CA PRO A 171 28.88 11.22 -8.37
C PRO A 171 28.54 12.25 -7.30
N SER A 172 28.75 13.53 -7.61
CA SER A 172 28.50 14.60 -6.66
C SER A 172 27.01 14.93 -6.55
N LYS A 173 26.20 14.32 -7.40
CA LYS A 173 24.75 14.53 -7.38
C LYS A 173 24.00 13.24 -7.11
N THR A 174 22.76 13.37 -6.64
CA THR A 174 21.96 12.21 -6.26
C THR A 174 20.50 12.36 -6.69
N LYS A 175 19.99 11.35 -7.39
CA LYS A 175 18.59 11.34 -7.82
C LYS A 175 17.73 10.65 -6.77
N LEU A 176 16.99 11.46 -6.01
CA LEU A 176 16.12 10.94 -4.97
C LEU A 176 14.72 10.67 -5.50
N THR A 177 14.36 9.39 -5.55
CA THR A 177 13.02 8.99 -5.98
C THR A 177 12.20 8.53 -4.78
N TRP A 178 11.12 9.23 -4.50
CA TRP A 178 10.32 8.95 -3.31
C TRP A 178 8.87 8.60 -3.63
N LEU A 179 8.58 7.31 -3.69
CA LEU A 179 7.21 6.82 -3.85
C LEU A 179 6.49 6.84 -2.50
N LEU A 180 5.41 7.61 -2.43
CA LEU A 180 4.67 7.74 -1.19
C LEU A 180 3.27 7.13 -1.30
N SER A 181 2.85 6.46 -0.23
CA SER A 181 1.52 5.89 -0.14
C SER A 181 1.01 6.00 1.29
N ILE A 182 -0.05 6.79 1.48
CA ILE A 182 -0.60 7.02 2.81
C ILE A 182 -2.12 6.99 2.83
N ASP A 183 -2.67 6.53 3.96
CA ASP A 183 -4.10 6.60 4.21
C ASP A 183 -4.33 7.43 5.46
N LEU A 184 -4.46 8.75 5.27
CA LEU A 184 -4.64 9.68 6.39
C LEU A 184 -5.79 9.25 7.30
N LYS A 185 -6.76 8.55 6.73
CA LYS A 185 -7.86 7.98 7.51
C LYS A 185 -8.65 9.02 8.31
N GLY A 186 -8.95 10.15 7.70
CA GLY A 186 -9.82 11.14 8.31
C GLY A 186 -11.13 11.19 7.55
N TRP A 187 -11.86 12.28 7.69
CA TRP A 187 -13.07 12.47 6.89
C TRP A 187 -12.74 13.39 5.73
N LEU A 188 -11.46 13.71 5.59
CA LEU A 188 -10.98 14.65 4.57
C LEU A 188 -11.54 14.34 3.19
N PRO A 189 -11.93 15.39 2.44
CA PRO A 189 -12.40 15.26 1.06
C PRO A 189 -11.34 14.61 0.17
N LYS A 190 -11.77 14.00 -0.92
CA LYS A 190 -10.86 13.33 -1.84
C LYS A 190 -9.85 14.30 -2.44
N SER A 191 -10.34 15.44 -2.90
CA SER A 191 -9.49 16.42 -3.58
C SER A 191 -8.36 16.94 -2.68
N ILE A 192 -8.74 17.48 -1.53
CA ILE A 192 -7.77 18.13 -0.64
C ILE A 192 -6.61 17.20 -0.27
N ILE A 193 -6.89 15.91 -0.16
CA ILE A 193 -5.86 14.93 0.20
C ILE A 193 -4.75 14.88 -0.84
N ASN A 194 -5.11 15.12 -2.09
CA ASN A 194 -4.13 15.08 -3.18
C ASN A 194 -3.09 16.18 -3.08
N GLN A 195 -3.55 17.42 -2.97
CA GLN A 195 -2.65 18.56 -2.94
C GLN A 195 -1.72 18.55 -1.73
N VAL A 196 -2.25 18.16 -0.57
CA VAL A 196 -1.45 18.15 0.65
C VAL A 196 -0.32 17.13 0.57
N LEU A 197 -0.65 15.91 0.17
CA LEU A 197 0.36 14.86 0.06
C LEU A 197 1.38 15.23 -1.00
N SER A 198 0.95 16.04 -1.98
CA SER A 198 1.86 16.51 -3.03
C SER A 198 2.82 17.55 -2.46
N GLN A 199 2.28 18.58 -1.83
CA GLN A 199 3.09 19.63 -1.26
C GLN A 199 3.95 19.09 -0.13
N THR A 200 3.47 18.05 0.54
CA THR A 200 4.23 17.39 1.59
C THR A 200 5.55 16.88 1.02
N GLN A 201 5.49 16.39 -0.21
CA GLN A 201 6.67 15.89 -0.91
C GLN A 201 7.58 17.04 -1.34
N VAL A 202 6.99 18.04 -2.00
CA VAL A 202 7.77 19.17 -2.50
C VAL A 202 8.44 19.90 -1.35
N ASP A 203 7.80 19.90 -0.18
CA ASP A 203 8.36 20.54 1.00
C ASP A 203 9.55 19.74 1.52
N PHE A 204 9.37 18.43 1.66
CA PHE A 204 10.44 17.55 2.10
C PHE A 204 11.70 17.77 1.27
N ALA A 205 11.52 17.95 -0.03
CA ALA A 205 12.63 18.21 -0.94
C ALA A 205 13.34 19.50 -0.57
N ASN A 206 12.55 20.55 -0.33
CA ASN A 206 13.09 21.85 0.04
C ASN A 206 13.94 21.77 1.31
N HIS A 207 13.30 21.34 2.40
CA HIS A 207 13.97 21.27 3.70
C HIS A 207 15.19 20.36 3.66
N LEU A 208 15.11 19.30 2.86
CA LEU A 208 16.23 18.38 2.74
C LEU A 208 17.46 19.10 2.18
N ARG A 209 17.27 19.85 1.11
CA ARG A 209 18.36 20.61 0.50
C ARG A 209 18.94 21.61 1.48
N LYS A 210 18.07 22.25 2.26
CA LYS A 210 18.49 23.27 3.22
C LYS A 210 19.33 22.67 4.34
N ARG A 211 18.90 21.54 4.88
CA ARG A 211 19.65 20.85 5.91
C ARG A 211 21.05 20.50 5.43
N LEU A 212 21.15 20.05 4.18
CA LEU A 212 22.43 19.65 3.61
C LEU A 212 23.50 20.75 3.71
N GLU A 213 23.06 21.98 3.95
CA GLU A 213 23.97 23.10 4.16
C GLU A 213 23.97 23.55 5.61
N SER B 1 7.54 -17.24 20.69
CA SER B 1 8.69 -16.47 20.23
C SER B 1 9.24 -17.09 18.95
N MET B 2 10.52 -17.47 18.95
CA MET B 2 11.07 -18.19 17.79
C MET B 2 10.54 -19.61 17.74
N THR B 3 10.11 -20.02 16.55
CA THR B 3 9.61 -21.37 16.34
C THR B 3 10.44 -22.04 15.25
N LEU B 4 10.54 -23.37 15.34
CA LEU B 4 11.39 -24.12 14.43
C LEU B 4 10.55 -25.02 13.54
N TYR B 5 11.02 -25.27 12.32
CA TYR B 5 10.28 -26.08 11.37
C TYR B 5 11.12 -27.23 10.81
N SER B 6 10.52 -28.42 10.76
CA SER B 6 11.17 -29.56 10.13
C SER B 6 11.35 -29.27 8.65
N ASP B 7 12.34 -29.91 8.03
CA ASP B 7 12.60 -29.69 6.62
C ASP B 7 11.41 -30.03 5.75
N GLN B 8 10.64 -31.03 6.15
CA GLN B 8 9.44 -31.41 5.44
C GLN B 8 8.42 -30.27 5.44
N GLU B 9 8.30 -29.60 6.58
CA GLU B 9 7.40 -28.46 6.69
C GLU B 9 7.82 -27.35 5.75
N LEU B 10 9.04 -26.84 5.95
CA LEU B 10 9.62 -25.82 5.10
C LEU B 10 9.40 -26.12 3.61
N ALA B 11 9.45 -27.41 3.27
CA ALA B 11 9.17 -27.87 1.91
C ALA B 11 7.77 -27.42 1.51
N TYR B 12 6.78 -27.83 2.28
CA TYR B 12 5.40 -27.43 2.06
C TYR B 12 5.28 -25.90 2.08
N LEU B 13 5.97 -25.28 3.02
CA LEU B 13 6.00 -23.82 3.11
C LEU B 13 6.43 -23.19 1.78
N GLN B 14 7.55 -23.64 1.22
CA GLN B 14 8.01 -23.15 -0.07
C GLN B 14 6.90 -23.32 -1.09
N GLN B 15 6.42 -24.55 -1.24
CA GLN B 15 5.39 -24.86 -2.21
C GLN B 15 4.22 -23.92 -2.05
N GLY B 16 3.91 -23.58 -0.80
CA GLY B 16 2.81 -22.68 -0.52
C GLY B 16 3.00 -21.32 -1.13
N GLU B 17 4.25 -20.93 -1.34
CA GLU B 17 4.56 -19.64 -1.93
C GLU B 17 4.95 -19.75 -3.40
N GLU B 18 5.48 -20.90 -3.79
CA GLU B 18 5.75 -21.17 -5.19
C GLU B 18 4.43 -21.14 -5.96
N ALA B 19 3.40 -21.72 -5.33
CA ALA B 19 2.07 -21.76 -5.93
C ALA B 19 1.49 -20.36 -6.01
N MET B 20 1.84 -19.51 -5.05
CA MET B 20 1.27 -18.17 -4.97
C MET B 20 1.88 -17.24 -6.02
N GLN B 21 3.21 -17.07 -5.97
CA GLN B 21 3.89 -16.19 -6.91
C GLN B 21 3.59 -16.53 -8.36
N LYS B 22 3.57 -17.82 -8.69
CA LYS B 22 3.35 -18.25 -10.06
C LYS B 22 1.92 -18.01 -10.53
N ALA B 23 0.96 -18.10 -9.60
CA ALA B 23 -0.45 -17.87 -9.92
C ALA B 23 -0.72 -16.37 -10.07
N LEU B 24 -0.10 -15.58 -9.22
CA LEU B 24 -0.22 -14.13 -9.30
C LEU B 24 0.41 -13.64 -10.60
N GLY B 25 1.55 -14.23 -10.95
CA GLY B 25 2.25 -13.86 -12.17
C GLY B 25 1.41 -14.13 -13.40
N ILE B 26 0.46 -15.05 -13.28
CA ILE B 26 -0.46 -15.37 -14.36
C ILE B 26 -1.59 -14.35 -14.41
N LEU B 27 -1.81 -13.65 -13.30
CA LEU B 27 -2.81 -12.61 -13.24
C LEU B 27 -2.19 -11.26 -13.60
N SER B 28 -0.92 -11.10 -13.27
CA SER B 28 -0.18 -9.89 -13.61
C SER B 28 -0.14 -9.72 -15.12
N ASN B 29 0.03 -10.84 -15.82
CA ASN B 29 -0.02 -10.84 -17.28
C ASN B 29 -1.46 -10.66 -17.76
N GLN B 30 -1.92 -9.42 -17.69
CA GLN B 30 -3.32 -9.09 -17.96
C GLN B 30 -3.80 -9.61 -19.32
N GLU B 31 -3.50 -8.87 -20.37
CA GLU B 31 -4.02 -9.17 -21.70
C GLU B 31 -3.36 -10.39 -22.34
N GLY B 32 -4.17 -11.22 -22.99
CA GLY B 32 -3.69 -12.42 -23.64
C GLY B 32 -4.66 -13.58 -23.47
N TRP B 33 -5.64 -13.41 -22.59
CA TRP B 33 -6.63 -14.45 -22.32
C TRP B 33 -7.73 -14.47 -23.39
N LYS B 34 -8.16 -15.68 -23.73
CA LYS B 34 -9.35 -15.85 -24.57
C LYS B 34 -10.58 -15.74 -23.69
N LYS B 35 -11.74 -16.10 -24.22
CA LYS B 35 -12.97 -16.08 -23.45
C LYS B 35 -13.73 -17.39 -23.61
N GLU B 36 -14.22 -17.92 -22.49
CA GLU B 36 -14.91 -19.20 -22.50
C GLU B 36 -16.40 -19.07 -22.18
N SER B 37 -16.76 -18.09 -21.35
CA SER B 37 -18.16 -17.88 -21.00
C SER B 37 -18.46 -16.45 -20.58
N GLN B 38 -19.75 -16.09 -20.59
CA GLN B 38 -20.21 -14.75 -20.27
C GLN B 38 -21.63 -14.80 -19.70
N GLN B 39 -21.75 -14.61 -18.40
CA GLN B 39 -23.04 -14.85 -17.73
C GLN B 39 -23.94 -13.62 -17.67
N ASP B 40 -25.21 -13.87 -17.35
CA ASP B 40 -26.21 -12.82 -17.24
C ASP B 40 -25.89 -11.88 -16.09
N ASN B 41 -25.13 -12.38 -15.12
CA ASN B 41 -24.75 -11.60 -13.96
C ASN B 41 -23.46 -10.82 -14.17
N GLY B 42 -22.90 -10.93 -15.38
CA GLY B 42 -21.65 -10.28 -15.70
C GLY B 42 -20.47 -11.16 -15.32
N ASP B 43 -20.76 -12.43 -15.04
CA ASP B 43 -19.73 -13.38 -14.67
C ASP B 43 -18.95 -13.81 -15.92
N LYS B 44 -17.63 -13.90 -15.79
CA LYS B 44 -16.77 -14.19 -16.92
C LYS B 44 -15.78 -15.32 -16.62
N VAL B 45 -15.39 -16.05 -17.65
CA VAL B 45 -14.42 -17.13 -17.51
C VAL B 45 -13.38 -17.08 -18.61
N MET B 46 -12.20 -16.56 -18.29
CA MET B 46 -11.13 -16.43 -19.28
C MET B 46 -10.26 -17.69 -19.33
N SER B 47 -9.52 -17.83 -20.42
CA SER B 47 -8.62 -18.98 -20.59
C SER B 47 -7.31 -18.55 -21.21
N LYS B 48 -6.28 -19.39 -21.03
CA LYS B 48 -4.97 -19.09 -21.57
C LYS B 48 -4.05 -20.31 -21.47
N VAL B 49 -3.20 -20.49 -22.49
CA VAL B 49 -2.25 -21.59 -22.49
C VAL B 49 -0.89 -21.13 -21.98
N VAL B 50 -0.66 -21.32 -20.68
CA VAL B 50 0.60 -20.95 -20.06
C VAL B 50 1.69 -21.95 -20.43
N PRO B 51 2.86 -21.45 -20.89
CA PRO B 51 3.98 -22.29 -21.31
C PRO B 51 4.33 -23.32 -20.25
N ASP B 52 4.57 -22.88 -19.03
CA ASP B 52 4.95 -23.77 -17.94
C ASP B 52 3.87 -24.80 -17.66
N VAL B 53 2.67 -24.32 -17.34
CA VAL B 53 1.56 -25.21 -16.99
C VAL B 53 0.82 -25.68 -18.23
N GLY B 54 -0.24 -24.96 -18.58
CA GLY B 54 -1.07 -25.31 -19.72
C GLY B 54 -2.30 -24.44 -19.81
N LYS B 55 -3.43 -25.02 -20.20
CA LYS B 55 -4.67 -24.27 -20.32
C LYS B 55 -5.30 -24.01 -18.95
N VAL B 56 -5.41 -22.74 -18.58
CA VAL B 56 -5.96 -22.36 -17.29
C VAL B 56 -7.29 -21.62 -17.44
N PHE B 57 -8.05 -21.54 -16.35
CA PHE B 57 -9.32 -20.85 -16.36
C PHE B 57 -9.33 -19.73 -15.32
N ARG B 58 -9.73 -18.53 -15.74
CA ARG B 58 -9.76 -17.39 -14.85
C ARG B 58 -11.19 -16.90 -14.64
N LEU B 59 -11.71 -17.10 -13.44
CA LEU B 59 -13.09 -16.74 -13.13
C LEU B 59 -13.19 -15.28 -12.68
N GLU B 60 -14.00 -14.50 -13.39
CA GLU B 60 -14.23 -13.10 -13.06
C GLU B 60 -15.63 -12.88 -12.52
N VAL B 61 -15.73 -12.77 -11.20
CA VAL B 61 -17.02 -12.58 -10.54
C VAL B 61 -16.95 -11.58 -9.40
N VAL B 62 -17.98 -10.76 -9.29
CA VAL B 62 -18.12 -9.85 -8.16
C VAL B 62 -19.38 -10.21 -7.38
N VAL B 63 -19.32 -10.10 -6.06
CA VAL B 63 -20.44 -10.48 -5.21
C VAL B 63 -20.92 -9.30 -4.37
N ASP B 64 -22.22 -9.26 -4.10
CA ASP B 64 -22.82 -8.17 -3.32
C ASP B 64 -22.69 -8.43 -1.83
N GLN B 65 -21.53 -8.93 -1.42
CA GLN B 65 -21.30 -9.26 -0.01
C GLN B 65 -19.93 -8.80 0.47
N PRO B 66 -19.83 -8.48 1.76
CA PRO B 66 -18.57 -8.08 2.39
C PRO B 66 -17.44 -9.04 2.07
N MET B 67 -16.22 -8.53 2.00
CA MET B 67 -15.06 -9.35 1.66
C MET B 67 -14.73 -10.35 2.77
N GLU B 68 -14.60 -9.84 3.99
CA GLU B 68 -14.19 -10.68 5.12
C GLU B 68 -15.12 -11.87 5.34
N ARG B 69 -16.39 -11.70 4.99
CA ARG B 69 -17.36 -12.78 5.10
C ARG B 69 -17.01 -13.93 4.17
N LEU B 70 -16.68 -13.60 2.92
CA LEU B 70 -16.25 -14.60 1.95
C LEU B 70 -15.02 -15.35 2.47
N TYR B 71 -14.14 -14.61 3.15
CA TYR B 71 -12.92 -15.19 3.69
C TYR B 71 -13.23 -16.37 4.61
N GLU B 72 -13.83 -16.07 5.76
CA GLU B 72 -14.13 -17.10 6.75
C GLU B 72 -14.97 -18.23 6.15
N GLU B 73 -15.85 -17.88 5.21
CA GLU B 73 -16.71 -18.87 4.58
C GLU B 73 -15.98 -19.70 3.54
N LEU B 74 -14.86 -19.19 3.04
CA LEU B 74 -14.12 -19.86 1.97
C LEU B 74 -12.90 -20.60 2.49
N VAL B 75 -12.32 -20.10 3.59
CA VAL B 75 -11.11 -20.70 4.15
C VAL B 75 -11.28 -21.14 5.60
N GLU B 76 -11.59 -20.19 6.48
CA GLU B 76 -11.74 -20.49 7.90
C GLU B 76 -12.78 -21.57 8.14
N ARG B 77 -13.72 -21.70 7.20
CA ARG B 77 -14.80 -22.67 7.31
C ARG B 77 -14.85 -23.51 6.04
N MET B 78 -13.70 -23.70 5.41
CA MET B 78 -13.65 -24.43 4.15
C MET B 78 -13.94 -25.92 4.32
N GLU B 79 -13.64 -26.44 5.51
CA GLU B 79 -13.89 -27.86 5.79
C GLU B 79 -15.36 -28.21 5.59
N ALA B 80 -16.23 -27.23 5.79
CA ALA B 80 -17.66 -27.45 5.67
C ALA B 80 -18.23 -26.90 4.38
N MET B 81 -17.35 -26.43 3.50
CA MET B 81 -17.79 -25.88 2.22
C MET B 81 -18.35 -26.97 1.32
N GLY B 82 -18.19 -28.22 1.76
CA GLY B 82 -18.73 -29.36 1.04
C GLY B 82 -20.23 -29.45 1.22
N GLU B 83 -20.76 -28.64 2.12
CA GLU B 83 -22.19 -28.59 2.37
C GLU B 83 -22.90 -27.83 1.26
N TRP B 84 -22.53 -26.56 1.10
CA TRP B 84 -23.17 -25.69 0.13
C TRP B 84 -22.60 -25.85 -1.28
N ASN B 85 -21.87 -26.92 -1.51
CA ASN B 85 -21.26 -27.16 -2.81
C ASN B 85 -21.35 -28.63 -3.24
N PRO B 86 -22.14 -28.89 -4.29
CA PRO B 86 -22.33 -30.22 -4.87
C PRO B 86 -21.07 -30.74 -5.56
N ASN B 87 -20.31 -29.85 -6.16
CA ASN B 87 -19.10 -30.22 -6.89
C ASN B 87 -18.02 -30.83 -5.98
N VAL B 88 -18.20 -30.68 -4.68
CA VAL B 88 -17.28 -31.25 -3.70
C VAL B 88 -18.02 -32.09 -2.66
N LYS B 89 -17.45 -33.24 -2.32
CA LYS B 89 -18.08 -34.14 -1.37
C LYS B 89 -17.55 -33.96 0.05
N GLU B 90 -16.24 -33.86 0.18
CA GLU B 90 -15.62 -33.68 1.49
C GLU B 90 -14.23 -33.05 1.41
N ILE B 91 -14.00 -32.02 2.22
CA ILE B 91 -12.70 -31.37 2.30
C ILE B 91 -12.15 -31.45 3.72
N LYS B 92 -11.00 -32.09 3.86
CA LYS B 92 -10.39 -32.27 5.18
C LYS B 92 -8.97 -31.74 5.24
N VAL B 93 -8.70 -30.88 6.23
CA VAL B 93 -7.37 -30.35 6.45
C VAL B 93 -6.47 -31.41 7.09
N LEU B 94 -5.51 -31.90 6.31
CA LEU B 94 -4.62 -32.94 6.79
C LEU B 94 -3.63 -32.42 7.83
N GLN B 95 -3.24 -31.16 7.69
CA GLN B 95 -2.29 -30.54 8.61
C GLN B 95 -2.16 -29.03 8.38
N LYS B 96 -2.08 -28.28 9.48
CA LYS B 96 -1.79 -26.85 9.41
C LYS B 96 -0.33 -26.59 9.78
N ILE B 97 0.34 -25.77 8.98
CA ILE B 97 1.72 -25.40 9.28
C ILE B 97 1.84 -23.89 9.39
N GLY B 98 2.51 -23.43 10.44
CA GLY B 98 2.64 -22.00 10.68
C GLY B 98 1.28 -21.32 10.76
N LYS B 99 1.16 -20.17 10.11
CA LYS B 99 -0.09 -19.41 10.13
C LYS B 99 -0.84 -19.47 8.80
N ASP B 100 -0.10 -19.43 7.70
CA ASP B 100 -0.70 -19.32 6.38
C ASP B 100 -0.90 -20.67 5.68
N THR B 101 0.17 -21.45 5.58
CA THR B 101 0.12 -22.70 4.83
C THR B 101 -0.58 -23.84 5.57
N PHE B 102 -1.09 -24.79 4.80
CA PHE B 102 -1.77 -25.95 5.35
C PHE B 102 -2.14 -26.91 4.22
N ILE B 103 -2.10 -28.21 4.52
CA ILE B 103 -2.37 -29.25 3.52
C ILE B 103 -3.80 -29.76 3.64
N THR B 104 -4.44 -29.97 2.50
CA THR B 104 -5.84 -30.41 2.49
C THR B 104 -6.09 -31.57 1.55
N HIS B 105 -7.09 -32.38 1.87
CA HIS B 105 -7.54 -33.44 0.99
C HIS B 105 -8.95 -33.15 0.50
N GLU B 106 -9.05 -32.58 -0.70
CA GLU B 106 -10.34 -32.21 -1.26
C GLU B 106 -10.92 -33.33 -2.12
N LEU B 107 -11.95 -33.99 -1.61
CA LEU B 107 -12.63 -35.05 -2.33
C LEU B 107 -13.84 -34.49 -3.07
N ALA B 108 -13.74 -34.42 -4.40
CA ALA B 108 -14.82 -33.87 -5.21
C ALA B 108 -15.72 -34.97 -5.78
N ALA B 109 -17.01 -34.67 -5.87
CA ALA B 109 -17.99 -35.64 -6.39
C ALA B 109 -17.99 -35.67 -7.92
N LEU B 115 -20.47 -38.84 -16.40
CA LEU B 115 -19.51 -39.48 -17.31
C LEU B 115 -18.08 -39.25 -16.83
N VAL B 116 -17.91 -38.36 -15.87
CA VAL B 116 -16.59 -38.06 -15.32
C VAL B 116 -16.35 -38.78 -14.00
N GLY B 117 -15.39 -39.69 -13.99
CA GLY B 117 -15.09 -40.47 -12.79
C GLY B 117 -14.76 -39.61 -11.60
N PRO B 118 -15.03 -40.14 -10.39
CA PRO B 118 -14.76 -39.44 -9.12
C PRO B 118 -13.28 -39.13 -8.97
N ARG B 119 -12.97 -37.95 -8.44
CA ARG B 119 -11.58 -37.54 -8.26
C ARG B 119 -11.33 -36.79 -6.96
N ASP B 120 -10.20 -37.08 -6.33
CA ASP B 120 -9.82 -36.42 -5.08
C ASP B 120 -8.52 -35.64 -5.25
N PHE B 121 -8.19 -34.82 -4.27
CA PHE B 121 -6.98 -34.00 -4.34
C PHE B 121 -6.29 -33.92 -2.99
N VAL B 122 -4.96 -33.97 -3.01
CA VAL B 122 -4.17 -33.68 -1.82
C VAL B 122 -3.18 -32.57 -2.16
N SER B 123 -3.46 -31.37 -1.67
CA SER B 123 -2.68 -30.20 -2.05
C SER B 123 -2.35 -29.31 -0.87
N VAL B 124 -1.26 -28.57 -1.00
CA VAL B 124 -0.90 -27.55 0.00
C VAL B 124 -1.43 -26.21 -0.47
N ARG B 125 -1.76 -25.33 0.47
CA ARG B 125 -2.36 -24.05 0.13
C ARG B 125 -2.03 -22.95 1.14
N CYS B 126 -1.79 -21.75 0.63
CA CYS B 126 -1.41 -20.62 1.45
C CYS B 126 -2.50 -19.55 1.47
N ALA B 127 -2.89 -19.14 2.68
CA ALA B 127 -3.94 -18.15 2.83
C ALA B 127 -3.40 -16.83 3.37
N LYS B 128 -2.66 -16.11 2.53
CA LYS B 128 -2.10 -14.82 2.91
C LYS B 128 -3.05 -13.67 2.62
N ARG B 129 -2.68 -12.48 3.09
CA ARG B 129 -3.45 -11.27 2.82
C ARG B 129 -2.64 -10.01 3.11
N ARG B 130 -2.57 -9.12 2.13
CA ARG B 130 -1.89 -7.84 2.30
C ARG B 130 -2.80 -6.82 2.97
N GLY B 131 -3.65 -7.29 3.88
CA GLY B 131 -4.56 -6.44 4.61
C GLY B 131 -5.90 -6.27 3.94
N SER B 132 -5.97 -5.36 2.98
CA SER B 132 -7.22 -5.07 2.29
C SER B 132 -7.56 -6.13 1.25
N THR B 133 -6.60 -6.99 0.95
CA THR B 133 -6.81 -8.03 -0.05
C THR B 133 -6.35 -9.40 0.44
N CYS B 134 -7.29 -10.34 0.54
CA CYS B 134 -6.97 -11.70 0.93
C CYS B 134 -6.87 -12.58 -0.30
N VAL B 135 -6.04 -13.61 -0.24
CA VAL B 135 -5.81 -14.48 -1.39
C VAL B 135 -5.46 -15.91 -1.00
N LEU B 136 -6.16 -16.86 -1.62
CA LEU B 136 -5.91 -18.27 -1.41
C LEU B 136 -5.07 -18.85 -2.54
N ALA B 137 -3.90 -19.37 -2.19
CA ALA B 137 -3.04 -20.03 -3.17
C ALA B 137 -3.14 -21.54 -2.99
N GLY B 138 -2.41 -22.29 -3.81
CA GLY B 138 -2.42 -23.73 -3.70
C GLY B 138 -1.96 -24.49 -4.93
N MET B 139 -1.49 -25.72 -4.71
CA MET B 139 -1.09 -26.61 -5.79
C MET B 139 -0.90 -28.02 -5.24
N ALA B 140 -1.14 -29.02 -6.09
CA ALA B 140 -1.03 -30.41 -5.68
C ALA B 140 0.31 -30.67 -4.98
N THR B 141 0.25 -31.23 -3.78
CA THR B 141 1.44 -31.55 -3.01
C THR B 141 1.53 -33.04 -2.73
N ASP B 142 2.69 -33.48 -2.26
CA ASP B 142 2.89 -34.89 -1.96
C ASP B 142 2.84 -35.15 -0.45
N PHE B 143 1.69 -35.60 0.03
CA PHE B 143 1.51 -35.91 1.43
C PHE B 143 1.49 -37.42 1.62
N GLY B 144 2.68 -38.01 1.77
CA GLY B 144 2.82 -39.45 1.87
C GLY B 144 1.95 -40.05 2.96
N ASN B 145 1.57 -39.24 3.95
CA ASN B 145 0.76 -39.70 5.05
C ASN B 145 -0.72 -39.81 4.66
N MET B 146 -0.97 -39.85 3.36
CA MET B 146 -2.33 -39.94 2.83
C MET B 146 -2.30 -40.23 1.33
N PRO B 147 -1.83 -41.45 0.97
CA PRO B 147 -1.69 -41.85 -0.43
C PRO B 147 -3.04 -41.98 -1.15
N GLU B 148 -3.00 -42.37 -2.41
CA GLU B 148 -4.23 -42.55 -3.20
C GLU B 148 -4.97 -43.82 -2.79
N GLN B 149 -6.29 -43.72 -2.68
CA GLN B 149 -7.11 -44.87 -2.31
C GLN B 149 -7.81 -45.46 -3.53
N LYS B 150 -8.12 -46.75 -3.45
CA LYS B 150 -8.79 -47.45 -4.54
C LYS B 150 -10.22 -46.92 -4.73
N GLY B 151 -10.59 -46.73 -5.99
CA GLY B 151 -11.92 -46.24 -6.31
C GLY B 151 -11.87 -44.82 -6.86
N VAL B 152 -11.14 -43.95 -6.18
CA VAL B 152 -11.04 -42.55 -6.57
C VAL B 152 -9.67 -42.26 -7.20
N ILE B 153 -9.68 -41.54 -8.31
CA ILE B 153 -8.44 -41.19 -9.00
C ILE B 153 -7.89 -39.84 -8.57
N ARG B 154 -6.63 -39.84 -8.14
CA ARG B 154 -5.96 -38.64 -7.64
C ARG B 154 -5.56 -37.69 -8.76
N ALA B 155 -6.32 -36.62 -8.92
CA ALA B 155 -5.98 -35.58 -9.89
C ALA B 155 -5.07 -34.53 -9.25
N GLU B 156 -4.33 -33.80 -10.06
CA GLU B 156 -3.37 -32.83 -9.56
C GLU B 156 -3.76 -31.38 -9.87
N HIS B 157 -3.44 -30.48 -8.95
CA HIS B 157 -3.72 -29.06 -9.12
C HIS B 157 -2.45 -28.28 -9.48
N GLY B 158 -2.54 -27.46 -10.51
CA GLY B 158 -1.48 -26.55 -10.86
C GLY B 158 -1.57 -25.31 -10.00
N PRO B 159 -0.74 -24.30 -10.28
CA PRO B 159 -0.79 -23.04 -9.53
C PRO B 159 -2.20 -22.45 -9.54
N THR B 160 -2.91 -22.61 -8.42
CA THR B 160 -4.29 -22.13 -8.31
C THR B 160 -4.42 -21.07 -7.22
N CYS B 161 -4.87 -19.89 -7.61
CA CYS B 161 -5.08 -18.81 -6.65
C CYS B 161 -6.52 -18.32 -6.66
N MET B 162 -6.86 -17.50 -5.68
CA MET B 162 -8.19 -16.92 -5.58
C MET B 162 -8.12 -15.62 -4.79
N VAL B 163 -8.39 -14.51 -5.46
CA VAL B 163 -8.23 -13.19 -4.88
C VAL B 163 -9.56 -12.56 -4.46
N LEU B 164 -9.59 -12.03 -3.24
CA LEU B 164 -10.74 -11.28 -2.77
C LEU B 164 -10.38 -9.80 -2.67
N HIS B 165 -11.01 -8.99 -3.49
CA HIS B 165 -10.68 -7.57 -3.58
C HIS B 165 -11.93 -6.70 -3.43
N PRO B 166 -11.92 -5.79 -2.45
CA PRO B 166 -13.05 -4.87 -2.23
C PRO B 166 -13.37 -4.09 -3.49
N LEU B 167 -14.66 -3.93 -3.79
CA LEU B 167 -15.09 -3.24 -5.00
C LEU B 167 -14.43 -1.87 -5.11
N ALA B 168 -14.06 -1.48 -6.32
CA ALA B 168 -13.37 -0.22 -6.57
C ALA B 168 -14.02 0.95 -5.85
N GLY B 169 -15.34 0.91 -5.73
CA GLY B 169 -16.09 1.96 -5.05
C GLY B 169 -17.23 1.42 -4.24
N SER B 170 -16.98 0.35 -3.49
CA SER B 170 -18.00 -0.25 -2.64
C SER B 170 -17.42 -1.31 -1.71
N PRO B 171 -17.23 -0.97 -0.43
CA PRO B 171 -16.74 -1.92 0.57
C PRO B 171 -17.72 -3.07 0.79
N SER B 172 -18.97 -2.84 0.45
CA SER B 172 -20.01 -3.85 0.64
C SER B 172 -19.97 -4.92 -0.45
N LYS B 173 -19.12 -4.71 -1.46
CA LYS B 173 -18.99 -5.66 -2.55
C LYS B 173 -17.56 -6.20 -2.64
N THR B 174 -17.41 -7.37 -3.27
CA THR B 174 -16.12 -8.03 -3.36
C THR B 174 -15.88 -8.65 -4.73
N LYS B 175 -14.73 -8.32 -5.33
CA LYS B 175 -14.35 -8.88 -6.62
C LYS B 175 -13.55 -10.15 -6.44
N LEU B 176 -14.18 -11.29 -6.66
CA LEU B 176 -13.53 -12.59 -6.52
C LEU B 176 -12.89 -13.04 -7.83
N THR B 177 -11.56 -13.08 -7.85
CA THR B 177 -10.82 -13.55 -9.00
C THR B 177 -10.25 -14.94 -8.72
N TRP B 178 -10.67 -15.93 -9.49
CA TRP B 178 -10.27 -17.30 -9.24
C TRP B 178 -9.56 -17.94 -10.44
N LEU B 179 -8.24 -17.93 -10.41
CA LEU B 179 -7.43 -18.62 -11.40
C LEU B 179 -7.35 -20.10 -11.07
N LEU B 180 -7.82 -20.94 -11.99
CA LEU B 180 -7.86 -22.38 -11.77
C LEU B 180 -6.92 -23.12 -12.71
N SER B 181 -6.22 -24.12 -12.19
CA SER B 181 -5.34 -24.97 -12.98
C SER B 181 -5.41 -26.40 -12.46
N ILE B 182 -5.93 -27.30 -13.29
CA ILE B 182 -6.10 -28.69 -12.87
C ILE B 182 -5.69 -29.67 -13.97
N ASP B 183 -5.19 -30.82 -13.55
CA ASP B 183 -4.92 -31.93 -14.46
C ASP B 183 -5.74 -33.13 -14.02
N LEU B 184 -6.97 -33.22 -14.53
CA LEU B 184 -7.89 -34.29 -14.16
C LEU B 184 -7.25 -35.67 -14.31
N LYS B 185 -6.30 -35.77 -15.23
CA LYS B 185 -5.53 -37.00 -15.42
C LYS B 185 -6.38 -38.23 -15.70
N GLY B 186 -7.37 -38.08 -16.58
CA GLY B 186 -8.14 -39.21 -17.03
C GLY B 186 -7.83 -39.50 -18.48
N TRP B 187 -8.73 -40.23 -19.12
CA TRP B 187 -8.68 -40.43 -20.57
C TRP B 187 -9.78 -39.60 -21.20
N LEU B 188 -10.06 -38.45 -20.59
CA LEU B 188 -11.04 -37.51 -21.09
C LEU B 188 -10.52 -36.77 -22.31
N PRO B 189 -11.40 -36.56 -23.31
CA PRO B 189 -11.07 -35.79 -24.51
C PRO B 189 -10.65 -34.36 -24.15
N LYS B 190 -9.89 -33.74 -25.04
CA LYS B 190 -9.40 -32.38 -24.81
C LYS B 190 -10.56 -31.39 -24.68
N SER B 191 -11.52 -31.47 -25.59
CA SER B 191 -12.64 -30.53 -25.62
C SER B 191 -13.46 -30.56 -24.34
N ILE B 192 -13.97 -31.73 -24.00
CA ILE B 192 -14.88 -31.87 -22.86
C ILE B 192 -14.29 -31.32 -21.56
N ILE B 193 -12.98 -31.43 -21.41
CA ILE B 193 -12.30 -30.94 -20.20
C ILE B 193 -12.47 -29.44 -20.04
N ASN B 194 -12.53 -28.73 -21.16
CA ASN B 194 -12.66 -27.28 -21.15
C ASN B 194 -13.99 -26.82 -20.55
N GLN B 195 -15.09 -27.34 -21.10
CA GLN B 195 -16.43 -26.93 -20.69
C GLN B 195 -16.71 -27.25 -19.22
N VAL B 196 -16.28 -28.43 -18.78
CA VAL B 196 -16.52 -28.87 -17.42
C VAL B 196 -15.82 -27.96 -16.40
N LEU B 197 -14.53 -27.72 -16.62
CA LEU B 197 -13.76 -26.87 -15.72
C LEU B 197 -14.30 -25.44 -15.74
N SER B 198 -14.92 -25.06 -16.85
CA SER B 198 -15.54 -23.76 -16.98
C SER B 198 -16.81 -23.69 -16.14
N GLN B 199 -17.71 -24.64 -16.37
CA GLN B 199 -18.97 -24.69 -15.64
C GLN B 199 -18.72 -24.93 -14.16
N THR B 200 -17.63 -25.64 -13.85
CA THR B 200 -17.25 -25.88 -12.47
C THR B 200 -17.04 -24.54 -11.75
N GLN B 201 -16.48 -23.58 -12.48
CA GLN B 201 -16.24 -22.25 -11.95
C GLN B 201 -17.54 -21.46 -11.82
N VAL B 202 -18.33 -21.45 -12.90
CA VAL B 202 -19.59 -20.72 -12.91
C VAL B 202 -20.54 -21.24 -11.84
N ASP B 203 -20.45 -22.54 -11.56
CA ASP B 203 -21.28 -23.16 -10.53
C ASP B 203 -20.83 -22.71 -9.14
N PHE B 204 -19.52 -22.79 -8.90
CA PHE B 204 -18.96 -22.34 -7.63
C PHE B 204 -19.43 -20.93 -7.29
N ALA B 205 -19.48 -20.08 -8.30
CA ALA B 205 -19.95 -18.70 -8.13
C ALA B 205 -21.40 -18.69 -7.66
N ASN B 206 -22.23 -19.48 -8.32
CA ASN B 206 -23.64 -19.58 -7.97
C ASN B 206 -23.85 -20.00 -6.52
N HIS B 207 -23.35 -21.19 -6.20
CA HIS B 207 -23.52 -21.75 -4.86
C HIS B 207 -22.94 -20.84 -3.79
N LEU B 208 -21.84 -20.16 -4.11
CA LEU B 208 -21.22 -19.24 -3.16
C LEU B 208 -22.19 -18.13 -2.78
N ARG B 209 -22.80 -17.51 -3.78
CA ARG B 209 -23.76 -16.44 -3.55
C ARG B 209 -24.94 -16.94 -2.72
N LYS B 210 -25.38 -18.16 -3.00
CA LYS B 210 -26.53 -18.74 -2.31
C LYS B 210 -26.23 -18.99 -0.83
N ARG B 211 -25.06 -19.56 -0.55
CA ARG B 211 -24.64 -19.79 0.82
C ARG B 211 -24.62 -18.48 1.63
N LEU B 212 -24.13 -17.42 0.99
CA LEU B 212 -24.03 -16.12 1.64
C LEU B 212 -25.35 -15.66 2.25
N GLU B 213 -26.45 -16.26 1.80
CA GLU B 213 -27.76 -15.96 2.35
C GLU B 213 -28.30 -17.12 3.18
N SER C 1 -18.42 62.87 26.27
CA SER C 1 -17.75 62.65 27.55
C SER C 1 -18.41 61.52 28.33
N MET C 2 -18.96 61.84 29.50
CA MET C 2 -19.49 60.78 30.36
C MET C 2 -20.96 60.48 30.10
N THR C 3 -21.28 59.20 29.98
CA THR C 3 -22.65 58.75 29.79
C THR C 3 -23.03 57.82 30.92
N LEU C 4 -24.32 57.81 31.27
CA LEU C 4 -24.79 56.98 32.38
C LEU C 4 -25.73 55.88 31.90
N TYR C 5 -25.74 54.76 32.62
CA TYR C 5 -26.54 53.61 32.23
C TYR C 5 -27.45 53.15 33.35
N SER C 6 -28.71 52.87 33.00
CA SER C 6 -29.64 52.28 33.95
C SER C 6 -29.14 50.89 34.34
N ASP C 7 -29.52 50.44 35.53
CA ASP C 7 -29.07 49.14 36.02
C ASP C 7 -29.48 48.01 35.09
N GLN C 8 -30.64 48.16 34.45
CA GLN C 8 -31.12 47.17 33.49
C GLN C 8 -30.16 47.06 32.31
N GLU C 9 -29.68 48.21 31.85
CA GLU C 9 -28.71 48.26 30.76
C GLU C 9 -27.43 47.53 31.15
N LEU C 10 -26.76 48.03 32.18
CA LEU C 10 -25.56 47.40 32.72
C LEU C 10 -25.71 45.88 32.84
N ALA C 11 -26.92 45.44 33.19
CA ALA C 11 -27.23 44.02 33.25
C ALA C 11 -26.96 43.36 31.91
N TYR C 12 -27.62 43.89 30.87
CA TYR C 12 -27.41 43.42 29.51
C TYR C 12 -25.95 43.55 29.11
N LEU C 13 -25.33 44.67 29.51
CA LEU C 13 -23.92 44.89 29.26
C LEU C 13 -23.06 43.76 29.81
N GLN C 14 -23.27 43.41 31.07
CA GLN C 14 -22.54 42.29 31.66
C GLN C 14 -22.74 41.04 30.81
N GLN C 15 -24.01 40.68 30.61
CA GLN C 15 -24.35 39.49 29.86
C GLN C 15 -23.64 39.49 28.50
N GLY C 16 -23.52 40.68 27.92
CA GLY C 16 -22.85 40.82 26.64
C GLY C 16 -21.39 40.40 26.69
N GLU C 17 -20.80 40.48 27.87
CA GLU C 17 -19.40 40.10 28.05
C GLU C 17 -19.27 38.74 28.72
N GLU C 18 -20.26 38.36 29.50
CA GLU C 18 -20.29 37.02 30.09
C GLU C 18 -20.38 36.01 28.95
N ALA C 19 -21.20 36.34 27.95
CA ALA C 19 -21.36 35.49 26.78
C ALA C 19 -20.07 35.41 25.98
N MET C 20 -19.32 36.51 25.99
CA MET C 20 -18.10 36.59 25.20
C MET C 20 -16.96 35.79 25.81
N GLN C 21 -16.59 36.12 27.05
CA GLN C 21 -15.50 35.43 27.73
C GLN C 21 -15.69 33.93 27.77
N LYS C 22 -16.91 33.49 28.04
CA LYS C 22 -17.20 32.06 28.16
C LYS C 22 -17.12 31.33 26.83
N ALA C 23 -17.49 32.03 25.75
CA ALA C 23 -17.43 31.45 24.41
C ALA C 23 -16.00 31.38 23.90
N LEU C 24 -15.22 32.42 24.19
CA LEU C 24 -13.81 32.45 23.83
C LEU C 24 -13.06 31.36 24.59
N GLY C 25 -13.42 31.20 25.86
CA GLY C 25 -12.79 30.19 26.70
C GLY C 25 -13.02 28.79 26.18
N ILE C 26 -14.10 28.63 25.41
CA ILE C 26 -14.41 27.35 24.78
C ILE C 26 -13.58 27.17 23.51
N LEU C 27 -13.09 28.28 22.97
CA LEU C 27 -12.22 28.22 21.80
C LEU C 27 -10.76 28.13 22.23
N SER C 28 -10.44 28.74 23.36
CA SER C 28 -9.10 28.67 23.91
C SER C 28 -8.73 27.22 24.21
N ASN C 29 -9.71 26.46 24.70
CA ASN C 29 -9.53 25.04 24.94
C ASN C 29 -9.51 24.27 23.62
N GLU C 31 -7.78 21.49 21.82
CA GLU C 31 -7.96 20.06 21.61
C GLU C 31 -8.96 19.45 22.58
N GLY C 32 -9.82 18.56 22.07
CA GLY C 32 -10.84 17.93 22.87
C GLY C 32 -12.14 17.77 22.12
N TRP C 33 -12.24 18.45 20.97
CA TRP C 33 -13.45 18.40 20.16
C TRP C 33 -13.52 17.14 19.30
N LYS C 34 -14.73 16.60 19.16
CA LYS C 34 -14.97 15.52 18.21
C LYS C 34 -15.17 16.14 16.84
N LYS C 35 -15.64 15.33 15.89
CA LYS C 35 -15.90 15.84 14.55
C LYS C 35 -17.29 15.41 14.09
N GLU C 36 -18.03 16.34 13.50
CA GLU C 36 -19.39 16.07 13.05
C GLU C 36 -19.55 16.08 11.54
N SER C 37 -18.75 16.90 10.85
CA SER C 37 -18.80 16.97 9.40
C SER C 37 -17.50 17.45 8.77
N GLN C 38 -17.36 17.21 7.46
CA GLN C 38 -16.15 17.56 6.72
C GLN C 38 -16.50 17.81 5.25
N GLN C 39 -16.52 19.07 4.85
CA GLN C 39 -17.04 19.43 3.53
C GLN C 39 -15.98 19.42 2.42
N ASP C 40 -16.47 19.44 1.18
CA ASP C 40 -15.62 19.43 0.00
C ASP C 40 -14.79 20.72 -0.06
N ASN C 41 -15.29 21.77 0.57
CA ASN C 41 -14.61 23.05 0.57
C ASN C 41 -13.61 23.18 1.72
N GLY C 42 -13.48 22.13 2.50
CA GLY C 42 -12.60 22.14 3.66
C GLY C 42 -13.32 22.66 4.89
N ASP C 43 -14.64 22.75 4.78
CA ASP C 43 -15.47 23.23 5.88
C ASP C 43 -15.61 22.14 6.94
N LYS C 44 -15.50 22.53 8.20
CA LYS C 44 -15.50 21.57 9.30
C LYS C 44 -16.49 21.97 10.40
N VAL C 45 -17.02 20.98 11.11
CA VAL C 45 -17.93 21.23 12.22
C VAL C 45 -17.57 20.35 13.42
N MET C 46 -16.92 20.97 14.41
CA MET C 46 -16.49 20.25 15.60
C MET C 46 -17.58 20.26 16.67
N SER C 47 -17.47 19.33 17.62
CA SER C 47 -18.43 19.25 18.72
C SER C 47 -17.73 18.96 20.04
N LYS C 48 -18.40 19.27 21.14
CA LYS C 48 -17.84 19.04 22.47
C LYS C 48 -18.90 19.22 23.56
N VAL C 49 -18.81 18.39 24.60
CA VAL C 49 -19.73 18.47 25.72
C VAL C 49 -19.14 19.30 26.84
N VAL C 50 -19.46 20.59 26.86
CA VAL C 50 -18.97 21.49 27.89
C VAL C 50 -19.73 21.26 29.19
N PRO C 51 -18.99 21.10 30.30
CA PRO C 51 -19.59 20.86 31.62
C PRO C 51 -20.69 21.87 31.96
N ASP C 52 -20.36 23.14 31.88
CA ASP C 52 -21.32 24.20 32.20
C ASP C 52 -22.53 24.15 31.28
N VAL C 53 -22.30 24.26 29.98
CA VAL C 53 -23.39 24.29 29.01
C VAL C 53 -23.81 22.87 28.61
N GLY C 54 -23.23 22.38 27.52
CA GLY C 54 -23.55 21.07 27.00
C GLY C 54 -22.88 20.81 25.66
N LYS C 55 -23.58 20.14 24.75
CA LYS C 55 -23.03 19.84 23.44
C LYS C 55 -23.05 21.06 22.54
N VAL C 56 -21.87 21.52 22.13
CA VAL C 56 -21.75 22.71 21.28
C VAL C 56 -21.22 22.35 19.90
N PHE C 57 -21.39 23.26 18.95
CA PHE C 57 -20.92 23.05 17.59
C PHE C 57 -19.96 24.17 17.19
N ARG C 58 -18.80 23.78 16.66
CA ARG C 58 -17.80 24.76 16.25
C ARG C 58 -17.57 24.70 14.75
N LEU C 59 -18.01 25.75 14.06
CA LEU C 59 -17.91 25.80 12.60
C LEU C 59 -16.56 26.35 12.16
N GLU C 60 -15.84 25.56 11.37
CA GLU C 60 -14.54 25.97 10.84
C GLU C 60 -14.61 26.23 9.34
N VAL C 61 -14.69 27.50 8.97
CA VAL C 61 -14.80 27.89 7.57
C VAL C 61 -13.96 29.12 7.24
N VAL C 62 -13.33 29.08 6.07
CA VAL C 62 -12.60 30.24 5.57
C VAL C 62 -13.26 30.70 4.27
N VAL C 63 -13.30 32.02 4.06
CA VAL C 63 -13.95 32.57 2.88
C VAL C 63 -12.98 33.40 2.04
N ASP C 64 -13.18 33.39 0.72
CA ASP C 64 -12.32 34.13 -0.19
C ASP C 64 -12.75 35.59 -0.30
N GLN C 65 -13.11 36.19 0.83
CA GLN C 65 -13.58 37.56 0.86
C GLN C 65 -12.97 38.36 2.01
N PRO C 66 -12.81 39.67 1.80
CA PRO C 66 -12.29 40.59 2.82
C PRO C 66 -13.03 40.42 4.15
N MET C 67 -12.31 40.66 5.25
CA MET C 67 -12.89 40.48 6.57
C MET C 67 -13.96 41.54 6.87
N GLU C 68 -13.61 42.81 6.67
CA GLU C 68 -14.51 43.91 7.01
C GLU C 68 -15.85 43.80 6.28
N ARG C 69 -15.83 43.23 5.09
CA ARG C 69 -17.06 43.03 4.32
C ARG C 69 -18.01 42.08 5.05
N LEU C 70 -17.48 40.98 5.54
CA LEU C 70 -18.26 40.03 6.32
C LEU C 70 -18.86 40.71 7.54
N TYR C 71 -18.10 41.62 8.13
CA TYR C 71 -18.54 42.35 9.31
C TYR C 71 -19.86 43.07 9.05
N GLU C 72 -19.81 44.10 8.20
CA GLU C 72 -21.00 44.89 7.91
C GLU C 72 -22.15 44.04 7.42
N GLU C 73 -21.83 42.97 6.68
CA GLU C 73 -22.86 42.08 6.14
C GLU C 73 -23.42 41.13 7.19
N LEU C 74 -22.68 40.94 8.28
CA LEU C 74 -23.08 39.99 9.31
C LEU C 74 -23.67 40.69 10.53
N VAL C 75 -23.24 41.91 10.80
CA VAL C 75 -23.71 42.64 11.96
C VAL C 75 -24.35 43.99 11.62
N GLU C 76 -23.58 44.87 10.97
CA GLU C 76 -24.07 46.20 10.61
C GLU C 76 -25.34 46.10 9.76
N ARG C 77 -25.48 44.99 9.05
CA ARG C 77 -26.62 44.77 8.18
C ARG C 77 -27.28 43.44 8.50
N MET C 78 -27.21 43.04 9.77
CA MET C 78 -27.76 41.76 10.20
C MET C 78 -29.28 41.74 10.14
N GLU C 79 -29.91 42.90 10.31
CA GLU C 79 -31.35 42.99 10.27
C GLU C 79 -31.92 42.45 8.96
N ALA C 80 -31.12 42.56 7.89
CA ALA C 80 -31.55 42.13 6.57
C ALA C 80 -30.92 40.81 6.17
N MET C 81 -30.22 40.17 7.10
CA MET C 81 -29.58 38.88 6.82
C MET C 81 -30.62 37.79 6.65
N GLY C 82 -31.87 38.13 6.95
CA GLY C 82 -32.98 37.21 6.77
C GLY C 82 -33.34 37.07 5.31
N GLU C 83 -32.74 37.92 4.48
CA GLU C 83 -32.95 37.86 3.03
C GLU C 83 -32.17 36.71 2.42
N TRP C 84 -30.85 36.75 2.58
CA TRP C 84 -29.97 35.75 1.98
C TRP C 84 -29.85 34.49 2.83
N ASN C 85 -30.76 34.31 3.78
CA ASN C 85 -30.73 33.14 4.65
C ASN C 85 -32.12 32.57 4.91
N PRO C 86 -32.37 31.36 4.39
CA PRO C 86 -33.64 30.64 4.55
C PRO C 86 -33.85 30.18 6.00
N ASN C 87 -32.78 29.83 6.69
CA ASN C 87 -32.86 29.34 8.06
C ASN C 87 -33.41 30.39 9.03
N VAL C 88 -33.46 31.64 8.58
CA VAL C 88 -34.00 32.72 9.39
C VAL C 88 -35.06 33.50 8.63
N LYS C 89 -36.14 33.84 9.33
CA LYS C 89 -37.26 34.55 8.70
C LYS C 89 -37.17 36.06 8.92
N GLU C 90 -36.88 36.48 10.15
CA GLU C 90 -36.78 37.90 10.46
C GLU C 90 -35.93 38.16 11.70
N ILE C 91 -34.99 39.09 11.58
CA ILE C 91 -34.16 39.50 12.70
C ILE C 91 -34.34 40.99 12.98
N LYS C 92 -34.80 41.32 14.19
CA LYS C 92 -35.05 42.71 14.55
C LYS C 92 -34.31 43.11 15.82
N VAL C 93 -33.56 44.21 15.73
CA VAL C 93 -32.86 44.76 16.89
C VAL C 93 -33.83 45.46 17.81
N LEU C 94 -34.06 44.87 18.98
CA LEU C 94 -35.00 45.42 19.95
C LEU C 94 -34.47 46.68 20.61
N GLN C 95 -33.14 46.74 20.78
CA GLN C 95 -32.51 47.89 21.41
C GLN C 95 -30.99 47.86 21.32
N LYS C 96 -30.39 49.01 21.05
CA LYS C 96 -28.94 49.14 21.08
C LYS C 96 -28.50 49.82 22.37
N ILE C 97 -27.49 49.27 23.02
CA ILE C 97 -26.94 49.86 24.24
C ILE C 97 -25.46 50.14 24.05
N GLY C 98 -25.04 51.34 24.41
CA GLY C 98 -23.65 51.75 24.23
C GLY C 98 -23.21 51.60 22.79
N LYS C 99 -22.02 51.05 22.59
CA LYS C 99 -21.48 50.89 21.24
C LYS C 99 -21.48 49.43 20.79
N ASP C 100 -21.18 48.53 21.71
CA ASP C 100 -20.99 47.12 21.35
C ASP C 100 -22.25 46.27 21.53
N THR C 101 -22.85 46.32 22.73
CA THR C 101 -23.98 45.45 23.05
C THR C 101 -25.29 45.92 22.43
N PHE C 102 -26.21 44.98 22.25
CA PHE C 102 -27.53 45.25 21.70
C PHE C 102 -28.38 43.99 21.73
N ILE C 103 -29.68 44.17 21.95
CA ILE C 103 -30.61 43.05 22.06
C ILE C 103 -31.35 42.82 20.76
N THR C 104 -31.51 41.56 20.37
CA THR C 104 -32.16 41.22 19.12
C THR C 104 -33.23 40.14 19.27
N HIS C 105 -34.21 40.17 18.38
CA HIS C 105 -35.21 39.11 18.31
C HIS C 105 -35.07 38.37 16.99
N GLU C 106 -34.38 37.24 17.01
CA GLU C 106 -34.15 36.45 15.80
C GLU C 106 -35.23 35.39 15.62
N LEU C 107 -36.10 35.62 14.64
CA LEU C 107 -37.15 34.67 14.31
C LEU C 107 -36.70 33.75 13.18
N ALA C 108 -36.45 32.48 13.52
CA ALA C 108 -35.97 31.51 12.53
C ALA C 108 -37.12 30.68 11.97
N ALA C 109 -37.03 30.34 10.68
CA ALA C 109 -38.05 29.54 10.02
C ALA C 109 -37.88 28.05 10.31
N LEU C 115 -40.28 18.98 10.09
CA LEU C 115 -40.64 18.24 11.30
C LEU C 115 -40.26 19.01 12.56
N VAL C 116 -39.48 20.07 12.37
CA VAL C 116 -39.05 20.90 13.49
C VAL C 116 -39.88 22.17 13.59
N GLY C 117 -40.63 22.30 14.69
CA GLY C 117 -41.49 23.45 14.90
C GLY C 117 -40.75 24.78 14.83
N PRO C 118 -41.48 25.84 14.44
CA PRO C 118 -40.91 27.19 14.33
C PRO C 118 -40.40 27.68 15.67
N ARG C 119 -39.26 28.38 15.68
CA ARG C 119 -38.66 28.86 16.90
C ARG C 119 -38.05 30.26 16.76
N ASP C 120 -38.24 31.09 17.78
CA ASP C 120 -37.69 32.43 17.79
C ASP C 120 -36.70 32.60 18.94
N PHE C 121 -35.97 33.73 18.93
CA PHE C 121 -34.98 33.99 19.96
C PHE C 121 -34.97 35.45 20.35
N VAL C 122 -34.79 35.71 21.65
CA VAL C 122 -34.54 37.06 22.14
C VAL C 122 -33.26 37.03 22.96
N SER C 123 -32.19 37.57 22.38
CA SER C 123 -30.87 37.47 22.98
C SER C 123 -30.10 38.78 22.92
N VAL C 124 -29.18 38.96 23.86
CA VAL C 124 -28.27 40.09 23.84
C VAL C 124 -26.97 39.65 23.17
N ARG C 125 -26.29 40.58 22.51
CA ARG C 125 -25.09 40.24 21.77
C ARG C 125 -24.09 41.39 21.71
N CYS C 126 -22.81 41.05 21.81
CA CYS C 126 -21.75 42.05 21.83
C CYS C 126 -20.88 41.95 20.58
N ALA C 127 -20.69 43.07 19.90
CA ALA C 127 -19.90 43.11 18.68
C ALA C 127 -18.60 43.87 18.87
N LYS C 128 -17.67 43.27 19.61
CA LYS C 128 -16.36 43.88 19.84
C LYS C 128 -15.35 43.50 18.77
N ARG C 129 -14.19 44.15 18.81
CA ARG C 129 -13.09 43.85 17.91
C ARG C 129 -11.77 44.42 18.41
N ARG C 130 -10.76 43.56 18.49
CA ARG C 130 -9.43 44.00 18.89
C ARG C 130 -8.65 44.55 17.70
N GLY C 131 -9.37 45.23 16.80
CA GLY C 131 -8.76 45.82 15.63
C GLY C 131 -8.74 44.90 14.43
N SER C 132 -7.73 44.04 14.38
CA SER C 132 -7.54 43.14 13.25
C SER C 132 -8.51 41.95 13.30
N THR C 133 -9.16 41.77 14.45
CA THR C 133 -10.08 40.65 14.63
C THR C 133 -11.41 41.11 15.22
N CYS C 134 -12.49 40.92 14.46
CA CYS C 134 -13.83 41.24 14.94
C CYS C 134 -14.51 39.96 15.43
N VAL C 135 -15.39 40.11 16.42
CA VAL C 135 -16.06 38.96 17.02
C VAL C 135 -17.46 39.27 17.54
N LEU C 136 -18.42 38.44 17.14
CA LEU C 136 -19.79 38.57 17.60
C LEU C 136 -20.07 37.58 18.73
N ALA C 137 -20.44 38.11 19.89
CA ALA C 137 -20.82 37.27 21.02
C ALA C 137 -22.34 37.28 21.16
N GLY C 138 -22.85 36.56 22.15
CA GLY C 138 -24.29 36.53 22.39
C GLY C 138 -24.80 35.36 23.20
N MET C 139 -25.97 35.55 23.82
CA MET C 139 -26.63 34.50 24.57
C MET C 139 -28.04 34.94 24.91
N ALA C 140 -28.95 33.97 25.02
CA ALA C 140 -30.35 34.26 25.32
C ALA C 140 -30.49 35.19 26.52
N THR C 141 -31.20 36.29 26.33
CA THR C 141 -31.41 37.26 27.40
C THR C 141 -32.90 37.40 27.70
N ASP C 142 -33.21 38.06 28.81
CA ASP C 142 -34.60 38.27 29.20
C ASP C 142 -35.06 39.70 28.92
N PHE C 143 -35.74 39.89 27.79
CA PHE C 143 -36.26 41.19 27.40
C PHE C 143 -37.77 41.23 27.63
N GLY C 144 -38.17 41.56 28.85
CA GLY C 144 -39.57 41.56 29.23
C GLY C 144 -40.44 42.38 28.30
N ASN C 145 -39.83 43.33 27.60
CA ASN C 145 -40.55 44.20 26.68
C ASN C 145 -40.84 43.50 25.35
N MET C 146 -40.74 42.17 25.37
CA MET C 146 -40.98 41.37 24.17
C MET C 146 -41.07 39.89 24.54
N PRO C 147 -42.13 39.51 25.27
CA PRO C 147 -42.33 38.14 25.75
C PRO C 147 -42.58 37.16 24.60
N GLU C 148 -42.80 35.90 24.95
CA GLU C 148 -43.05 34.86 23.95
C GLU C 148 -44.47 35.00 23.38
N GLN C 149 -44.59 34.82 22.07
CA GLN C 149 -45.89 34.91 21.41
C GLN C 149 -46.44 33.52 21.08
N LYS C 150 -47.74 33.40 20.99
CA LYS C 150 -48.40 32.14 20.67
C LYS C 150 -48.09 31.70 19.24
N ILE C 153 -42.25 28.85 19.46
CA ILE C 153 -41.65 28.46 20.72
C ILE C 153 -40.29 29.12 20.94
N ARG C 154 -40.14 29.79 22.07
CA ARG C 154 -38.93 30.53 22.40
C ARG C 154 -37.79 29.62 22.83
N ALA C 155 -36.83 29.41 21.93
CA ALA C 155 -35.64 28.64 22.25
C ALA C 155 -34.57 29.55 22.82
N GLU C 156 -33.62 28.98 23.55
CA GLU C 156 -32.58 29.77 24.21
C GLU C 156 -31.19 29.53 23.63
N HIS C 157 -30.38 30.57 23.61
CA HIS C 157 -29.01 30.48 23.12
C HIS C 157 -28.00 30.47 24.27
N GLY C 158 -27.08 29.51 24.22
CA GLY C 158 -25.97 29.49 25.16
C GLY C 158 -24.89 30.43 24.67
N PRO C 159 -23.72 30.42 25.35
CA PRO C 159 -22.59 31.26 24.93
C PRO C 159 -22.25 31.02 23.46
N THR C 160 -22.64 31.94 22.60
CA THR C 160 -22.42 31.80 21.17
C THR C 160 -21.55 32.94 20.64
N CYS C 161 -20.40 32.58 20.05
CA CYS C 161 -19.51 33.58 19.48
C CYS C 161 -19.25 33.31 18.01
N MET C 162 -18.62 34.27 17.35
CA MET C 162 -18.29 34.16 15.95
C MET C 162 -17.10 35.06 15.62
N VAL C 163 -15.97 34.45 15.30
CA VAL C 163 -14.72 35.18 15.10
C VAL C 163 -14.38 35.37 13.63
N LEU C 164 -14.02 36.60 13.26
CA LEU C 164 -13.52 36.90 11.93
C LEU C 164 -12.04 37.21 12.00
N HIS C 165 -11.23 36.35 11.38
CA HIS C 165 -9.78 36.47 11.46
C HIS C 165 -9.15 36.44 10.08
N PRO C 166 -8.38 37.48 9.74
CA PRO C 166 -7.70 37.55 8.45
C PRO C 166 -6.82 36.32 8.23
N LEU C 167 -6.82 35.78 7.01
CA LEU C 167 -6.05 34.58 6.70
C LEU C 167 -4.60 34.74 7.11
N ALA C 168 -4.01 33.67 7.63
CA ALA C 168 -2.62 33.70 8.12
C ALA C 168 -1.68 34.37 7.14
N GLY C 169 -1.94 34.20 5.84
CA GLY C 169 -1.12 34.81 4.81
C GLY C 169 -1.93 35.32 3.63
N SER C 170 -3.03 36.00 3.94
CA SER C 170 -3.89 36.56 2.90
C SER C 170 -4.96 37.47 3.48
N PRO C 171 -4.76 38.79 3.36
CA PRO C 171 -5.74 39.79 3.82
C PRO C 171 -7.05 39.68 3.05
N SER C 172 -6.99 39.10 1.84
CA SER C 172 -8.16 38.97 0.99
C SER C 172 -9.06 37.83 1.43
N LYS C 173 -8.59 37.05 2.40
CA LYS C 173 -9.37 35.92 2.91
C LYS C 173 -9.66 36.08 4.40
N THR C 174 -10.69 35.39 4.88
CA THR C 174 -11.11 35.51 6.27
C THR C 174 -11.50 34.16 6.87
N LYS C 175 -10.93 33.84 8.02
CA LYS C 175 -11.25 32.62 8.73
C LYS C 175 -12.39 32.84 9.72
N LEU C 176 -13.58 32.37 9.34
CA LEU C 176 -14.76 32.53 10.18
C LEU C 176 -14.93 31.34 11.13
N THR C 177 -14.76 31.61 12.42
CA THR C 177 -14.97 30.58 13.44
C THR C 177 -16.26 30.84 14.19
N TRP C 178 -17.20 29.92 14.10
CA TRP C 178 -18.52 30.11 14.69
C TRP C 178 -18.88 29.03 15.71
N LEU C 179 -18.66 29.35 16.99
CA LEU C 179 -19.08 28.48 18.08
C LEU C 179 -20.57 28.68 18.36
N LEU C 180 -21.34 27.61 18.23
CA LEU C 180 -22.78 27.68 18.41
C LEU C 180 -23.22 26.88 19.64
N SER C 181 -24.17 27.45 20.39
CA SER C 181 -24.75 26.78 21.54
C SER C 181 -26.23 27.13 21.63
N ILE C 182 -27.09 26.13 21.45
CA ILE C 182 -28.53 26.36 21.47
C ILE C 182 -29.30 25.29 22.24
N ASP C 183 -30.39 25.70 22.85
CA ASP C 183 -31.32 24.77 23.48
C ASP C 183 -32.69 24.91 22.83
N LEU C 184 -32.90 24.15 21.76
CA LEU C 184 -34.14 24.22 20.99
C LEU C 184 -35.36 24.07 21.88
N LYS C 185 -35.20 23.35 22.99
CA LYS C 185 -36.26 23.22 23.99
C LYS C 185 -37.55 22.65 23.45
N GLY C 186 -37.45 21.61 22.63
CA GLY C 186 -38.63 20.88 22.18
C GLY C 186 -38.63 19.51 22.82
N TRP C 187 -39.34 18.57 22.23
CA TRP C 187 -39.24 17.18 22.70
C TRP C 187 -38.43 16.38 21.70
N LEU C 188 -37.72 17.10 20.85
CA LEU C 188 -36.88 16.50 19.83
C LEU C 188 -35.92 15.49 20.43
N PRO C 189 -35.72 14.36 19.73
CA PRO C 189 -34.77 13.33 20.14
C PRO C 189 -33.35 13.89 20.23
N LYS C 190 -32.49 13.25 21.02
CA LYS C 190 -31.12 13.71 21.19
C LYS C 190 -30.35 13.70 19.87
N SER C 191 -30.47 12.60 19.13
CA SER C 191 -29.72 12.42 17.90
C SER C 191 -30.03 13.49 16.86
N ILE C 192 -31.32 13.61 16.51
CA ILE C 192 -31.74 14.51 15.44
C ILE C 192 -31.27 15.96 15.67
N ILE C 193 -31.20 16.37 16.93
CA ILE C 193 -30.78 17.72 17.27
C ILE C 193 -29.34 17.99 16.80
N ASN C 194 -28.51 16.95 16.83
CA ASN C 194 -27.11 17.08 16.43
C ASN C 194 -26.96 17.42 14.95
N GLN C 195 -27.57 16.61 14.09
CA GLN C 195 -27.42 16.78 12.65
C GLN C 195 -27.98 18.12 12.15
N VAL C 196 -29.12 18.52 12.70
CA VAL C 196 -29.76 19.76 12.29
C VAL C 196 -28.91 20.98 12.61
N LEU C 197 -28.42 21.05 13.85
CA LEU C 197 -27.59 22.17 14.28
C LEU C 197 -26.29 22.18 13.50
N SER C 198 -25.87 21.00 13.05
CA SER C 198 -24.66 20.88 12.24
C SER C 198 -24.90 21.43 10.83
N GLN C 199 -25.95 20.94 10.19
CA GLN C 199 -26.29 21.37 8.84
C GLN C 199 -26.68 22.85 8.85
N THR C 200 -27.24 23.30 9.96
CA THR C 200 -27.59 24.71 10.11
C THR C 200 -26.34 25.57 9.93
N GLN C 201 -25.23 25.07 10.45
CA GLN C 201 -23.95 25.77 10.32
C GLN C 201 -23.41 25.69 8.91
N VAL C 202 -23.38 24.49 8.35
CA VAL C 202 -22.85 24.28 7.00
C VAL C 202 -23.67 25.08 5.98
N ASP C 203 -24.95 25.24 6.25
CA ASP C 203 -25.82 26.01 5.37
C ASP C 203 -25.48 27.50 5.46
N PHE C 204 -25.38 28.00 6.68
CA PHE C 204 -25.03 29.39 6.91
C PHE C 204 -23.76 29.76 6.14
N ALA C 205 -22.80 28.84 6.13
CA ALA C 205 -21.56 29.04 5.40
C ALA C 205 -21.82 29.20 3.91
N ASN C 206 -22.66 28.31 3.37
CA ASN C 206 -23.02 28.34 1.96
C ASN C 206 -23.65 29.68 1.56
N HIS C 207 -24.78 29.99 2.20
CA HIS C 207 -25.53 31.19 1.88
C HIS C 207 -24.68 32.45 2.07
N LEU C 208 -23.80 32.43 3.07
CA LEU C 208 -22.93 33.57 3.33
C LEU C 208 -22.04 33.85 2.13
N ARG C 209 -21.40 32.81 1.61
CA ARG C 209 -20.53 32.93 0.44
C ARG C 209 -21.31 33.45 -0.77
N LYS C 210 -22.55 32.96 -0.91
CA LYS C 210 -23.38 33.35 -2.05
C LYS C 210 -23.78 34.82 -2.00
N ARG C 211 -24.17 35.28 -0.82
CA ARG C 211 -24.51 36.69 -0.62
C ARG C 211 -23.34 37.59 -1.00
N LEU C 212 -22.14 37.18 -0.60
CA LEU C 212 -20.94 37.97 -0.85
C LEU C 212 -20.76 38.31 -2.33
N GLU C 213 -21.47 37.59 -3.19
CA GLU C 213 -21.46 37.87 -4.62
C GLU C 213 -22.78 38.47 -5.07
N SER D 1 15.08 -34.49 8.40
CA SER D 1 14.66 -33.56 9.44
C SER D 1 15.24 -32.18 9.21
N MET D 2 14.90 -31.26 10.12
CA MET D 2 15.36 -29.88 10.04
C MET D 2 16.88 -29.77 10.06
N THR D 3 17.41 -28.91 9.21
CA THR D 3 18.83 -28.65 9.13
C THR D 3 19.08 -27.18 9.40
N LEU D 4 20.22 -26.86 10.00
CA LEU D 4 20.53 -25.46 10.27
C LEU D 4 21.69 -24.98 9.40
N TYR D 5 21.80 -23.67 9.24
CA TYR D 5 22.82 -23.09 8.41
C TYR D 5 23.53 -21.94 9.10
N SER D 6 24.86 -21.92 9.01
CA SER D 6 25.64 -20.81 9.52
C SER D 6 25.27 -19.54 8.73
N ASP D 7 25.44 -18.39 9.36
CA ASP D 7 25.11 -17.12 8.72
C ASP D 7 25.89 -16.92 7.42
N GLN D 8 27.11 -17.42 7.38
CA GLN D 8 27.93 -17.33 6.17
C GLN D 8 27.29 -18.10 5.04
N GLU D 9 26.74 -19.27 5.35
CA GLU D 9 26.05 -20.09 4.36
C GLU D 9 24.84 -19.33 3.81
N LEU D 10 23.90 -19.03 4.70
CA LEU D 10 22.72 -18.24 4.35
C LEU D 10 23.07 -17.05 3.46
N ALA D 11 24.22 -16.45 3.72
CA ALA D 11 24.72 -15.35 2.89
C ALA D 11 24.85 -15.82 1.45
N TYR D 12 25.64 -16.87 1.24
CA TYR D 12 25.80 -17.47 -0.07
C TYR D 12 24.45 -17.89 -0.63
N LEU D 13 23.60 -18.46 0.22
CA LEU D 13 22.26 -18.86 -0.18
C LEU D 13 21.48 -17.70 -0.78
N GLN D 14 21.46 -16.56 -0.08
CA GLN D 14 20.80 -15.37 -0.61
C GLN D 14 21.37 -15.03 -1.97
N GLN D 15 22.69 -14.86 -2.02
CA GLN D 15 23.36 -14.49 -3.24
C GLN D 15 22.97 -15.44 -4.38
N GLY D 16 22.80 -16.70 -4.03
CA GLY D 16 22.41 -17.72 -4.99
C GLY D 16 21.06 -17.42 -5.63
N GLU D 17 20.22 -16.70 -4.90
CA GLU D 17 18.89 -16.36 -5.40
C GLU D 17 18.82 -14.92 -5.88
N GLU D 18 19.66 -14.06 -5.31
CA GLU D 18 19.78 -12.69 -5.80
C GLU D 18 20.27 -12.72 -7.24
N ALA D 19 21.21 -13.61 -7.51
CA ALA D 19 21.75 -13.78 -8.85
C ALA D 19 20.70 -14.33 -9.80
N MET D 20 19.79 -15.15 -9.27
CA MET D 20 18.78 -15.81 -10.08
C MET D 20 17.66 -14.84 -10.48
N GLN D 21 17.00 -14.26 -9.50
CA GLN D 21 15.90 -13.33 -9.76
C GLN D 21 16.30 -12.20 -10.69
N LYS D 22 17.49 -11.64 -10.48
CA LYS D 22 17.95 -10.51 -11.27
C LYS D 22 18.29 -10.90 -12.70
N ALA D 23 18.76 -12.12 -12.89
CA ALA D 23 19.09 -12.62 -14.22
C ALA D 23 17.83 -12.97 -15.00
N LEU D 24 16.86 -13.56 -14.30
CA LEU D 24 15.58 -13.88 -14.91
C LEU D 24 14.84 -12.61 -15.30
N GLY D 25 14.94 -11.60 -14.44
CA GLY D 25 14.31 -10.32 -14.68
C GLY D 25 14.86 -9.64 -15.93
N ILE D 26 16.08 -10.01 -16.29
CA ILE D 26 16.71 -9.49 -17.49
C ILE D 26 16.23 -10.25 -18.72
N LEU D 27 15.69 -11.43 -18.48
CA LEU D 27 15.13 -12.26 -19.54
C LEU D 27 13.64 -11.96 -19.71
N SER D 28 12.99 -11.63 -18.59
CA SER D 28 11.58 -11.26 -18.62
C SER D 28 11.39 -10.02 -19.46
N ASN D 29 12.33 -9.08 -19.37
CA ASN D 29 12.33 -7.89 -20.20
C ASN D 29 12.71 -8.26 -21.63
N GLN D 30 11.76 -8.83 -22.36
CA GLN D 30 12.01 -9.39 -23.69
C GLN D 30 12.66 -8.37 -24.63
N GLU D 31 11.83 -7.51 -25.22
CA GLU D 31 12.29 -6.59 -26.26
C GLU D 31 13.13 -5.45 -25.72
N GLY D 32 14.21 -5.12 -26.44
CA GLY D 32 15.11 -4.06 -26.04
C GLY D 32 16.56 -4.42 -26.33
N TRP D 33 16.80 -5.68 -26.66
CA TRP D 33 18.15 -6.16 -26.94
C TRP D 33 18.59 -5.83 -28.36
N LYS D 34 19.86 -5.48 -28.50
CA LYS D 34 20.47 -5.33 -29.81
C LYS D 34 20.87 -6.71 -30.31
N LYS D 35 21.65 -6.75 -31.39
CA LYS D 35 22.12 -8.02 -31.93
C LYS D 35 23.62 -7.97 -32.17
N GLU D 36 24.32 -9.02 -31.76
CA GLU D 36 25.77 -9.07 -31.89
C GLU D 36 26.25 -10.12 -32.91
N SER D 37 25.50 -11.21 -33.05
CA SER D 37 25.87 -12.26 -34.00
C SER D 37 24.69 -13.10 -34.45
N GLN D 38 24.88 -13.80 -35.56
CA GLN D 38 23.81 -14.59 -36.16
C GLN D 38 24.38 -15.79 -36.93
N LYS D 44 22.13 -17.25 -31.99
CA LYS D 44 22.00 -15.80 -31.86
C LYS D 44 22.65 -15.31 -30.57
N VAL D 45 23.16 -14.07 -30.59
CA VAL D 45 23.77 -13.47 -29.43
C VAL D 45 23.29 -12.03 -29.26
N MET D 46 22.36 -11.83 -28.33
CA MET D 46 21.80 -10.50 -28.09
C MET D 46 22.61 -9.73 -27.05
N SER D 47 22.44 -8.42 -27.03
CA SER D 47 23.14 -7.57 -26.07
C SER D 47 22.22 -6.49 -25.53
N LYS D 48 22.57 -5.92 -24.38
CA LYS D 48 21.78 -4.88 -23.75
C LYS D 48 22.54 -4.22 -22.61
N VAL D 49 22.36 -2.91 -22.45
CA VAL D 49 23.00 -2.17 -21.37
C VAL D 49 22.04 -2.03 -20.19
N VAL D 50 22.14 -2.94 -19.24
CA VAL D 50 21.32 -2.91 -18.05
C VAL D 50 21.80 -1.83 -17.08
N PRO D 51 20.88 -0.99 -16.61
CA PRO D 51 21.20 0.12 -15.70
C PRO D 51 22.04 -0.34 -14.51
N ASP D 52 21.54 -1.34 -13.79
CA ASP D 52 22.24 -1.85 -12.61
C ASP D 52 23.63 -2.39 -12.97
N VAL D 53 23.66 -3.38 -13.87
CA VAL D 53 24.91 -4.01 -14.24
C VAL D 53 25.62 -3.24 -15.36
N GLY D 54 25.37 -3.65 -16.60
CA GLY D 54 26.00 -3.04 -17.75
C GLY D 54 25.67 -3.79 -19.03
N LYS D 55 26.65 -3.89 -19.93
CA LYS D 55 26.45 -4.58 -21.19
C LYS D 55 26.47 -6.09 -20.99
N VAL D 56 25.37 -6.75 -21.28
CA VAL D 56 25.25 -8.20 -21.12
C VAL D 56 25.09 -8.90 -22.46
N PHE D 57 25.34 -10.20 -22.46
CA PHE D 57 25.20 -11.01 -23.67
C PHE D 57 24.20 -12.14 -23.46
N ARG D 58 23.25 -12.25 -24.39
CA ARG D 58 22.22 -13.29 -24.28
C ARG D 58 22.34 -14.29 -25.43
N LEU D 59 22.76 -15.51 -25.10
CA LEU D 59 22.98 -16.55 -26.11
C LEU D 59 21.68 -17.30 -26.41
N GLU D 60 21.29 -17.29 -27.67
CA GLU D 60 20.08 -18.00 -28.11
C GLU D 60 20.44 -19.22 -28.96
N VAL D 61 20.40 -20.39 -28.34
CA VAL D 61 20.76 -21.63 -29.03
C VAL D 61 19.83 -22.78 -28.66
N VAL D 62 19.47 -23.58 -29.66
CA VAL D 62 18.71 -24.80 -29.44
C VAL D 62 19.56 -25.99 -29.86
N VAL D 63 19.45 -27.09 -29.12
CA VAL D 63 20.24 -28.28 -29.40
C VAL D 63 19.37 -29.50 -29.69
N ASP D 64 19.86 -30.37 -30.55
CA ASP D 64 19.11 -31.57 -30.93
C ASP D 64 19.31 -32.70 -29.92
N GLN D 65 19.33 -32.35 -28.65
CA GLN D 65 19.57 -33.32 -27.59
C GLN D 65 18.62 -33.14 -26.41
N PRO D 66 18.31 -34.24 -25.71
CA PRO D 66 17.46 -34.23 -24.53
C PRO D 66 17.90 -33.18 -23.52
N MET D 67 16.94 -32.62 -22.79
CA MET D 67 17.23 -31.58 -21.82
C MET D 67 18.04 -32.09 -20.64
N GLU D 68 17.56 -33.17 -20.02
CA GLU D 68 18.17 -33.70 -18.82
C GLU D 68 19.64 -34.07 -19.04
N ARG D 69 19.98 -34.47 -20.25
CA ARG D 69 21.35 -34.80 -20.60
C ARG D 69 22.25 -33.58 -20.47
N LEU D 70 21.80 -32.45 -21.01
CA LEU D 70 22.53 -31.20 -20.90
C LEU D 70 22.74 -30.84 -19.44
N TYR D 71 21.73 -31.13 -18.61
CA TYR D 71 21.80 -30.84 -17.18
C TYR D 71 23.01 -31.49 -16.55
N GLU D 72 22.99 -32.81 -16.46
CA GLU D 72 24.08 -33.55 -15.82
C GLU D 72 25.44 -33.21 -16.44
N GLU D 73 25.45 -32.96 -17.74
CA GLU D 73 26.69 -32.63 -18.45
C GLU D 73 27.15 -31.20 -18.19
N LEU D 74 26.22 -30.35 -17.77
CA LEU D 74 26.53 -28.94 -17.58
C LEU D 74 26.73 -28.59 -16.11
N VAL D 75 26.07 -29.31 -15.22
CA VAL D 75 26.16 -29.04 -13.79
C VAL D 75 26.65 -30.23 -12.97
N GLU D 76 25.92 -31.34 -13.03
CA GLU D 76 26.26 -32.53 -12.26
C GLU D 76 27.68 -33.00 -12.59
N ARG D 77 28.14 -32.66 -13.79
CA ARG D 77 29.46 -33.06 -14.25
C ARG D 77 30.24 -31.84 -14.73
N MET D 78 29.96 -30.69 -14.14
CA MET D 78 30.58 -29.43 -14.55
C MET D 78 32.06 -29.39 -14.21
N GLU D 79 32.45 -30.10 -13.16
CA GLU D 79 33.85 -30.13 -12.74
C GLU D 79 34.76 -30.62 -13.86
N ALA D 80 34.21 -31.46 -14.74
CA ALA D 80 34.98 -32.03 -15.84
C ALA D 80 34.65 -31.36 -17.17
N MET D 81 33.87 -30.29 -17.12
CA MET D 81 33.51 -29.58 -18.35
C MET D 81 34.72 -28.85 -18.92
N GLY D 82 35.81 -28.84 -18.16
CA GLY D 82 37.05 -28.25 -18.61
C GLY D 82 37.74 -29.14 -19.63
N GLU D 83 37.21 -30.35 -19.81
CA GLU D 83 37.74 -31.28 -20.79
C GLU D 83 37.29 -30.88 -22.18
N TRP D 84 35.99 -30.86 -22.40
CA TRP D 84 35.41 -30.57 -23.71
C TRP D 84 35.31 -29.08 -24.00
N ASN D 85 36.00 -28.27 -23.21
CA ASN D 85 35.96 -26.82 -23.39
C ASN D 85 37.33 -26.17 -23.23
N PRO D 86 37.87 -25.63 -24.34
CA PRO D 86 39.17 -24.94 -24.37
C PRO D 86 39.13 -23.61 -23.62
N ASN D 87 37.99 -22.93 -23.64
CA ASN D 87 37.84 -21.63 -23.00
C ASN D 87 37.99 -21.71 -21.47
N VAL D 88 37.96 -22.93 -20.94
CA VAL D 88 38.14 -23.14 -19.50
C VAL D 88 39.21 -24.19 -19.24
N LYS D 89 40.05 -23.92 -18.25
CA LYS D 89 41.16 -24.81 -17.92
C LYS D 89 40.81 -25.78 -16.78
N GLU D 90 40.19 -25.25 -15.72
CA GLU D 90 39.81 -26.07 -14.58
C GLU D 90 38.67 -25.45 -13.77
N ILE D 91 37.66 -26.26 -13.47
CA ILE D 91 36.55 -25.81 -12.64
C ILE D 91 36.43 -26.70 -11.40
N LYS D 92 36.57 -26.10 -10.23
CA LYS D 92 36.52 -26.85 -8.98
C LYS D 92 35.48 -26.32 -8.01
N VAL D 93 34.60 -27.20 -7.55
CA VAL D 93 33.59 -26.85 -6.56
C VAL D 93 34.23 -26.68 -5.18
N LEU D 94 34.29 -25.45 -4.71
CA LEU D 94 34.90 -25.15 -3.42
C LEU D 94 34.04 -25.64 -2.26
N GLN D 95 32.73 -25.63 -2.43
CA GLN D 95 31.80 -26.06 -1.39
C GLN D 95 30.37 -26.15 -1.89
N LYS D 96 29.67 -27.20 -1.46
CA LYS D 96 28.23 -27.33 -1.73
C LYS D 96 27.44 -26.97 -0.49
N ILE D 97 26.39 -26.15 -0.67
CA ILE D 97 25.52 -25.79 0.43
C ILE D 97 24.08 -26.18 0.10
N GLY D 98 23.41 -26.82 1.04
CA GLY D 98 22.06 -27.29 0.83
C GLY D 98 21.97 -28.20 -0.39
N LYS D 99 20.94 -27.98 -1.21
CA LYS D 99 20.74 -28.79 -2.40
C LYS D 99 21.06 -28.04 -3.69
N ASP D 100 20.72 -26.76 -3.73
CA ASP D 100 20.83 -25.99 -4.97
C ASP D 100 22.12 -25.19 -5.09
N THR D 101 22.42 -24.39 -4.07
CA THR D 101 23.59 -23.50 -4.12
C THR D 101 24.91 -24.21 -3.89
N PHE D 102 25.98 -23.62 -4.40
CA PHE D 102 27.33 -24.14 -4.26
C PHE D 102 28.34 -23.16 -4.85
N ILE D 103 29.52 -23.09 -4.25
CA ILE D 103 30.55 -22.16 -4.67
C ILE D 103 31.59 -22.85 -5.54
N THR D 104 32.02 -22.18 -6.61
CA THR D 104 32.97 -22.78 -7.55
C THR D 104 34.12 -21.84 -7.89
N HIS D 105 35.26 -22.42 -8.22
CA HIS D 105 36.40 -21.66 -8.71
C HIS D 105 36.68 -22.03 -10.17
N GLU D 106 36.16 -21.21 -11.08
CA GLU D 106 36.32 -21.47 -12.50
C GLU D 106 37.57 -20.79 -13.07
N LEU D 107 38.59 -21.59 -13.36
CA LEU D 107 39.82 -21.06 -13.96
C LEU D 107 39.77 -21.19 -15.47
N ALA D 108 39.65 -20.05 -16.15
CA ALA D 108 39.54 -20.04 -17.61
C ALA D 108 40.90 -19.76 -18.26
N LEU D 115 46.13 -12.39 -26.55
CA LEU D 115 46.32 -11.02 -26.11
C LEU D 115 45.57 -10.74 -24.81
N VAL D 116 44.69 -11.66 -24.43
CA VAL D 116 43.91 -11.52 -23.21
C VAL D 116 44.50 -12.35 -22.07
N ARG D 119 42.49 -15.49 -16.65
CA ARG D 119 41.58 -15.02 -15.63
C ARG D 119 40.81 -16.15 -14.96
N ASP D 120 40.64 -16.05 -13.64
CA ASP D 120 39.91 -17.06 -12.88
C ASP D 120 38.68 -16.44 -12.23
N PHE D 121 37.82 -17.29 -11.68
CA PHE D 121 36.59 -16.82 -11.05
C PHE D 121 36.28 -17.61 -9.79
N VAL D 122 35.79 -16.92 -8.77
CA VAL D 122 35.24 -17.58 -7.59
C VAL D 122 33.83 -17.06 -7.37
N SER D 123 32.84 -17.88 -7.70
CA SER D 123 31.45 -17.45 -7.69
C SER D 123 30.52 -18.48 -7.06
N VAL D 124 29.40 -18.00 -6.52
CA VAL D 124 28.36 -18.87 -6.02
C VAL D 124 27.32 -19.06 -7.12
N ARG D 125 26.66 -20.21 -7.13
CA ARG D 125 25.71 -20.52 -8.19
C ARG D 125 24.59 -21.45 -7.73
N CYS D 126 23.38 -21.19 -8.22
CA CYS D 126 22.21 -21.95 -7.82
C CYS D 126 21.66 -22.75 -8.99
N ALA D 127 21.46 -24.05 -8.77
CA ALA D 127 20.96 -24.93 -9.81
C ALA D 127 19.54 -25.41 -9.51
N LYS D 128 18.57 -24.51 -9.63
CA LYS D 128 17.18 -24.85 -9.39
C LYS D 128 16.49 -25.35 -10.66
N ARG D 129 15.27 -25.84 -10.50
CA ARG D 129 14.44 -26.27 -11.62
C ARG D 129 12.98 -26.40 -11.24
N ARG D 130 12.11 -25.75 -12.01
CA ARG D 130 10.67 -25.85 -11.79
C ARG D 130 10.11 -27.11 -12.47
N GLY D 131 10.89 -28.18 -12.45
CA GLY D 131 10.48 -29.44 -13.03
C GLY D 131 10.84 -29.59 -14.49
N SER D 132 10.01 -29.03 -15.36
CA SER D 132 10.21 -29.16 -16.80
C SER D 132 11.31 -28.22 -17.30
N THR D 133 11.72 -27.29 -16.45
CA THR D 133 12.74 -26.31 -16.82
C THR D 133 13.83 -26.18 -15.76
N CYS D 134 15.06 -26.51 -16.14
CA CYS D 134 16.19 -26.37 -15.24
C CYS D 134 16.94 -25.08 -15.57
N VAL D 135 17.56 -24.48 -14.56
CA VAL D 135 18.25 -23.21 -14.73
C VAL D 135 19.44 -23.02 -13.79
N LEU D 136 20.56 -22.64 -14.37
CA LEU D 136 21.78 -22.36 -13.61
C LEU D 136 21.94 -20.86 -13.41
N ALA D 137 21.97 -20.44 -12.14
CA ALA D 137 22.22 -19.05 -11.81
C ALA D 137 23.65 -18.89 -11.31
N GLY D 138 24.04 -17.67 -10.97
CA GLY D 138 25.37 -17.43 -10.44
C GLY D 138 25.87 -16.00 -10.53
N MET D 139 26.82 -15.67 -9.66
CA MET D 139 27.46 -14.35 -9.66
C MET D 139 28.69 -14.39 -8.77
N ALA D 140 29.68 -13.57 -9.10
CA ALA D 140 30.92 -13.53 -8.33
C ALA D 140 30.65 -13.38 -6.84
N THR D 141 31.21 -14.29 -6.05
CA THR D 141 31.04 -14.26 -4.61
C THR D 141 32.39 -14.10 -3.91
N ASP D 142 32.35 -13.81 -2.61
CA ASP D 142 33.57 -13.64 -1.84
C ASP D 142 33.85 -14.85 -0.96
N PHE D 143 34.73 -15.72 -1.44
CA PHE D 143 35.12 -16.93 -0.70
C PHE D 143 36.52 -16.74 -0.13
N GLY D 144 36.58 -16.12 1.04
CA GLY D 144 37.86 -15.82 1.68
C GLY D 144 38.78 -17.01 1.80
N ASN D 145 38.19 -18.21 1.79
CA ASN D 145 38.96 -19.44 1.91
C ASN D 145 39.64 -19.82 0.60
N MET D 146 39.74 -18.86 -0.31
CA MET D 146 40.36 -19.08 -1.61
C MET D 146 40.59 -17.75 -2.31
N PRO D 147 41.51 -16.93 -1.77
CA PRO D 147 41.81 -15.60 -2.31
C PRO D 147 42.43 -15.65 -3.70
N GLU D 148 42.77 -14.49 -4.24
CA GLU D 148 43.39 -14.40 -5.55
C GLU D 148 44.85 -14.83 -5.50
N GLN D 149 45.29 -15.60 -6.49
CA GLN D 149 46.67 -16.05 -6.56
C GLN D 149 47.47 -15.24 -7.58
N LYS D 150 48.78 -15.16 -7.36
CA LYS D 150 49.66 -14.44 -8.26
C LYS D 150 49.74 -15.11 -9.63
N GLY D 151 49.70 -14.30 -10.68
CA GLY D 151 49.75 -14.80 -12.04
C GLY D 151 48.43 -14.66 -12.76
N VAL D 152 47.35 -15.06 -12.10
CA VAL D 152 46.02 -15.00 -12.67
C VAL D 152 45.19 -13.87 -12.06
N ILE D 153 44.51 -13.11 -12.91
CA ILE D 153 43.70 -11.98 -12.45
C ILE D 153 42.24 -12.37 -12.22
N ARG D 154 41.75 -12.10 -11.01
CA ARG D 154 40.40 -12.47 -10.61
C ARG D 154 39.34 -11.56 -11.22
N ALA D 155 38.65 -12.05 -12.24
CA ALA D 155 37.54 -11.31 -12.84
C ALA D 155 36.24 -11.64 -12.12
N GLU D 156 35.26 -10.75 -12.23
CA GLU D 156 34.00 -10.92 -11.52
C GLU D 156 32.82 -11.19 -12.45
N HIS D 157 31.88 -12.01 -11.98
CA HIS D 157 30.68 -12.32 -12.74
C HIS D 157 29.47 -11.57 -12.21
N GLY D 158 28.73 -10.94 -13.12
CA GLY D 158 27.45 -10.34 -12.78
C GLY D 158 26.38 -11.40 -12.77
N PRO D 159 25.11 -10.98 -12.61
CA PRO D 159 23.99 -11.92 -12.65
C PRO D 159 24.00 -12.76 -13.91
N THR D 160 24.44 -14.00 -13.80
CA THR D 160 24.55 -14.89 -14.94
C THR D 160 23.65 -16.11 -14.79
N CYS D 161 22.73 -16.29 -15.73
CA CYS D 161 21.85 -17.45 -15.69
C CYS D 161 21.95 -18.27 -16.97
N MET D 162 21.35 -19.46 -16.95
CA MET D 162 21.35 -20.34 -18.10
C MET D 162 20.14 -21.27 -18.03
N VAL D 163 19.22 -21.09 -18.97
CA VAL D 163 17.95 -21.81 -18.94
C VAL D 163 17.91 -22.96 -19.93
N LEU D 164 17.45 -24.12 -19.45
CA LEU D 164 17.22 -25.27 -20.32
C LEU D 164 15.72 -25.52 -20.46
N HIS D 165 15.20 -25.33 -21.67
CA HIS D 165 13.77 -25.43 -21.91
C HIS D 165 13.47 -26.37 -23.06
N PRO D 166 12.65 -27.39 -22.81
CA PRO D 166 12.25 -28.36 -23.84
C PRO D 166 11.64 -27.64 -25.04
N LEU D 167 11.99 -28.08 -26.25
CA LEU D 167 11.50 -27.45 -27.47
C LEU D 167 9.98 -27.34 -27.44
N ALA D 168 9.46 -26.23 -27.97
CA ALA D 168 8.03 -25.97 -27.98
C ALA D 168 7.21 -27.18 -28.45
N GLY D 169 7.78 -27.92 -29.39
CA GLY D 169 7.12 -29.10 -29.93
C GLY D 169 8.07 -30.25 -30.19
N SER D 170 8.98 -30.49 -29.23
CA SER D 170 9.94 -31.58 -29.36
C SER D 170 10.71 -31.80 -28.07
N PRO D 171 10.34 -32.85 -27.33
CA PRO D 171 11.04 -33.22 -26.08
C PRO D 171 12.48 -33.62 -26.35
N SER D 172 12.77 -34.03 -27.59
CA SER D 172 14.11 -34.47 -27.97
C SER D 172 15.05 -33.29 -28.19
N LYS D 173 14.51 -32.08 -28.16
CA LYS D 173 15.31 -30.88 -28.35
C LYS D 173 15.25 -29.97 -27.13
N THR D 174 16.24 -29.10 -26.99
CA THR D 174 16.33 -28.22 -25.83
C THR D 174 16.78 -26.81 -26.20
N LYS D 175 16.02 -25.81 -25.76
CA LYS D 175 16.35 -24.42 -26.00
C LYS D 175 17.22 -23.88 -24.86
N LEU D 176 18.52 -23.74 -25.12
CA LEU D 176 19.45 -23.23 -24.12
C LEU D 176 19.59 -21.72 -24.20
N THR D 177 19.11 -21.03 -23.17
CA THR D 177 19.23 -19.58 -23.11
C THR D 177 20.28 -19.21 -22.06
N TRP D 178 21.35 -18.54 -22.50
CA TRP D 178 22.45 -18.24 -21.61
C TRP D 178 22.73 -16.73 -21.52
N LEU D 179 22.22 -16.10 -20.48
CA LEU D 179 22.51 -14.70 -20.20
C LEU D 179 23.85 -14.60 -19.47
N LEU D 180 24.77 -13.88 -20.08
CA LEU D 180 26.12 -13.74 -19.53
C LEU D 180 26.41 -12.32 -19.09
N SER D 181 27.06 -12.18 -17.93
CA SER D 181 27.49 -10.88 -17.43
C SER D 181 28.83 -11.01 -16.74
N ILE D 182 29.85 -10.38 -17.31
CA ILE D 182 31.21 -10.48 -16.76
C ILE D 182 31.93 -9.14 -16.74
N ASP D 183 32.80 -8.97 -15.75
CA ASP D 183 33.69 -7.82 -15.70
C ASP D 183 35.13 -8.31 -15.70
N LEU D 184 35.69 -8.49 -16.90
CA LEU D 184 37.03 -9.01 -17.06
C LEU D 184 38.05 -8.24 -16.21
N LYS D 185 37.76 -6.98 -15.96
CA LYS D 185 38.58 -6.15 -15.08
C LYS D 185 40.04 -6.08 -15.52
N GLN D 199 32.01 -14.31 -28.93
CA GLN D 199 32.54 -15.54 -29.48
C GLN D 199 32.70 -16.61 -28.39
N THR D 200 32.93 -16.16 -27.16
CA THR D 200 33.02 -17.06 -26.03
C THR D 200 31.73 -17.86 -25.91
N GLN D 201 30.61 -17.20 -26.18
CA GLN D 201 29.30 -17.83 -26.13
C GLN D 201 29.10 -18.77 -27.32
N VAL D 202 29.37 -18.28 -28.52
CA VAL D 202 29.19 -19.07 -29.73
C VAL D 202 30.07 -20.31 -29.70
N ASP D 203 31.23 -20.19 -29.07
CA ASP D 203 32.14 -21.33 -28.94
C ASP D 203 31.58 -22.36 -27.96
N PHE D 204 31.14 -21.90 -26.80
CA PHE D 204 30.53 -22.77 -25.81
C PHE D 204 29.43 -23.62 -26.43
N ALA D 205 28.64 -22.99 -27.30
CA ALA D 205 27.57 -23.69 -28.01
C ALA D 205 28.14 -24.81 -28.88
N ASN D 206 29.18 -24.49 -29.62
CA ASN D 206 29.83 -25.47 -30.49
C ASN D 206 30.33 -26.68 -29.70
N HIS D 207 31.23 -26.43 -28.77
CA HIS D 207 31.84 -27.50 -27.97
C HIS D 207 30.79 -28.31 -27.23
N LEU D 208 29.73 -27.66 -26.78
CA LEU D 208 28.65 -28.34 -26.08
C LEU D 208 28.02 -29.41 -26.96
N ARG D 209 27.67 -29.02 -28.19
CA ARG D 209 27.08 -29.94 -29.14
C ARG D 209 28.01 -31.11 -29.43
N LYS D 210 29.30 -30.82 -29.54
CA LYS D 210 30.31 -31.83 -29.85
C LYS D 210 30.44 -32.86 -28.73
N ARG D 211 30.50 -32.38 -27.49
CA ARG D 211 30.57 -33.25 -26.33
C ARG D 211 29.39 -34.22 -26.29
#